data_7UCH
#
_entry.id   7UCH
#
_cell.length_a   60.572
_cell.length_b   88.283
_cell.length_c   135.982
_cell.angle_alpha   90.000
_cell.angle_beta   90.000
_cell.angle_gamma   90.000
#
_symmetry.space_group_name_H-M   'P 21 21 21'
#
loop_
_entity.id
_entity.type
_entity.pdbx_description
1 polymer 'AprA Methyltransferase 1'
2 non-polymer 'MANGANESE (II) ION'
3 non-polymer GLYCEROL
4 non-polymer 'dimethylpropanedioic acid'
5 non-polymer S-ADENOSYL-L-HOMOCYSTEINE
6 water water
#
_entity_poly.entity_id   1
_entity_poly.type   'polypeptide(L)'
_entity_poly.pdbx_seq_one_letter_code
;MHHHHHHSSGVDLGTENLYFQSNALDKINRYAHGFVAVPVICACSEAGVFELLSQKKSLKLEEIVEHLAANSGHLMVAMR
LLESLSFLYRSQAEEYILTEQSQQHQIIPKALMSLYKYPFELYLKGEVETGISNWINCSSRRWDTENSLLSDLLDGVLLI
PLLLELKKQNLLDESKKIFNTLTNSLKQELSTLFINLGWAEEKTEGLYLTDIGRFMRDRSLNLGTTASYAPMLLQMKELL
FGNPQRVFQRNKTEKERHVNRTLNVVASGFQHEKFFADTDKIIISIFNQQPIEEQPIYIVDMGCGDGTLLKRIYKIIKQF
SARGKVLTEYPIIMVGVDYNQEALDVTDKNLVDIPHLVIPGDIGAPEKLLEQLKAQGIEPEKVLHIRSFLDHDRPFIAPK
NTEIAQARSQLDYQVVDVDREGKLIPPHIAVQSLVEHLERWSSIITRHGLLLLEVHSLTPAVVKKYIDESESLHFDAYHA
FSMQHLVEADVFLMAAAEVGLFSRKEAFRKYPKTLPLTRITVNHFEKRKYQIRYATVNDIPNLLKCATFNPPVNEPFFQV
LLKQTPTAHLLLEYQGELVAAIFTETKNSNEVLGIREFLVRTSVENWQVLAKDLLEFVEQWGVVKPGIKEIEGLLKYHEA
ISNFQKSKWYQS
;
_entity_poly.pdbx_strand_id   A
#
loop_
_chem_comp.id
_chem_comp.type
_chem_comp.name
_chem_comp.formula
GOL non-polymer GLYCEROL 'C3 H8 O3'
MN non-polymer 'MANGANESE (II) ION' 'Mn 2'
MU6 non-polymer 'dimethylpropanedioic acid' 'C5 H8 O4'
#
# COMPACT_ATOMS: atom_id res chain seq x y z
N ASN A 17 21.55 17.12 0.83
CA ASN A 17 22.29 16.05 1.49
C ASN A 17 23.52 15.64 0.66
N LEU A 18 24.04 14.44 0.91
CA LEU A 18 25.32 14.00 0.35
C LEU A 18 25.14 13.29 -1.00
N TYR A 19 26.26 13.12 -1.70
CA TYR A 19 26.20 12.67 -3.09
C TYR A 19 26.08 11.16 -3.22
N PHE A 20 26.74 10.41 -2.31
CA PHE A 20 26.69 8.96 -2.36
C PHE A 20 25.29 8.39 -2.14
N GLN A 21 24.34 9.21 -1.69
CA GLN A 21 23.10 8.69 -1.11
C GLN A 21 22.11 8.21 -2.15
N SER A 22 22.13 8.80 -3.36
CA SER A 22 21.23 8.34 -4.41
C SER A 22 21.50 6.90 -4.76
N ASN A 23 22.77 6.55 -4.93
CA ASN A 23 23.16 5.16 -5.18
C ASN A 23 22.83 4.26 -3.99
N ALA A 24 23.00 4.77 -2.75
CA ALA A 24 22.80 3.93 -1.57
C ALA A 24 21.33 3.61 -1.35
N LEU A 25 20.43 4.54 -1.65
CA LEU A 25 19.01 4.25 -1.48
C LEU A 25 18.54 3.21 -2.48
N ASP A 26 19.06 3.25 -3.71
CA ASP A 26 18.77 2.23 -4.70
C ASP A 26 19.15 0.84 -4.18
N LYS A 27 20.41 0.68 -3.74
CA LYS A 27 20.90 -0.63 -3.29
C LYS A 27 19.97 -1.24 -2.24
N ILE A 28 19.61 -0.47 -1.21
CA ILE A 28 18.86 -1.05 -0.10
C ILE A 28 17.43 -1.41 -0.54
N ASN A 29 16.85 -0.66 -1.48
CA ASN A 29 15.54 -1.03 -1.99
C ASN A 29 15.65 -2.28 -2.87
N ARG A 30 16.63 -2.30 -3.77
CA ARG A 30 16.88 -3.47 -4.60
C ARG A 30 17.08 -4.73 -3.77
N TYR A 31 17.69 -4.61 -2.58
CA TYR A 31 17.90 -5.78 -1.75
C TYR A 31 16.57 -6.39 -1.33
N ALA A 32 15.63 -5.55 -0.93
CA ALA A 32 14.30 -6.02 -0.55
C ALA A 32 13.53 -6.56 -1.75
N HIS A 33 13.68 -5.91 -2.91
CA HIS A 33 13.14 -6.47 -4.15
C HIS A 33 13.59 -7.92 -4.33
N GLY A 34 14.90 -8.16 -4.24
CA GLY A 34 15.43 -9.49 -4.48
C GLY A 34 14.98 -10.49 -3.44
N PHE A 35 14.73 -10.03 -2.22
CA PHE A 35 14.34 -10.94 -1.15
C PHE A 35 13.01 -11.61 -1.44
N VAL A 36 12.13 -10.95 -2.20
CA VAL A 36 10.86 -11.53 -2.61
C VAL A 36 10.93 -12.08 -4.02
N ALA A 37 11.62 -11.39 -4.94
CA ALA A 37 11.60 -11.79 -6.33
C ALA A 37 12.32 -13.11 -6.56
N VAL A 38 13.43 -13.33 -5.83
CA VAL A 38 14.23 -14.55 -6.07
C VAL A 38 13.44 -15.83 -5.76
N PRO A 39 12.69 -15.93 -4.65
CA PRO A 39 11.80 -17.10 -4.50
C PRO A 39 10.79 -17.27 -5.62
N VAL A 40 10.23 -16.17 -6.12
CA VAL A 40 9.26 -16.27 -7.21
C VAL A 40 9.94 -16.76 -8.50
N ILE A 41 11.05 -16.14 -8.88
CA ILE A 41 11.74 -16.54 -10.10
C ILE A 41 12.18 -18.00 -10.02
N CYS A 42 12.75 -18.39 -8.88
CA CYS A 42 13.26 -19.76 -8.75
C CYS A 42 12.15 -20.78 -8.83
N ALA A 43 11.05 -20.54 -8.12
CA ALA A 43 9.91 -21.47 -8.17
C ALA A 43 9.30 -21.52 -9.57
N CYS A 44 9.14 -20.37 -10.22
CA CYS A 44 8.63 -20.38 -11.58
C CYS A 44 9.56 -21.17 -12.50
N SER A 45 10.87 -21.01 -12.34
N SER A 45 10.88 -21.00 -12.36
CA SER A 45 11.83 -21.71 -13.20
CA SER A 45 11.83 -21.71 -13.21
C SER A 45 11.74 -23.21 -13.01
C SER A 45 11.73 -23.21 -13.01
N GLU A 46 11.77 -23.66 -11.76
CA GLU A 46 11.77 -25.09 -11.47
C GLU A 46 10.50 -25.77 -11.98
N ALA A 47 9.39 -25.06 -11.98
CA ALA A 47 8.11 -25.63 -12.37
C ALA A 47 7.86 -25.56 -13.87
N GLY A 48 8.77 -24.97 -14.64
CA GLY A 48 8.61 -24.95 -16.08
C GLY A 48 7.78 -23.80 -16.61
N VAL A 49 7.72 -22.68 -15.89
CA VAL A 49 6.94 -21.54 -16.37
C VAL A 49 7.60 -20.90 -17.59
N PHE A 50 8.92 -20.71 -17.52
CA PHE A 50 9.61 -20.06 -18.64
C PHE A 50 9.71 -20.99 -19.85
N GLU A 51 9.88 -22.30 -19.63
CA GLU A 51 9.87 -23.22 -20.77
C GLU A 51 8.49 -23.36 -21.36
N LEU A 52 7.44 -23.35 -20.53
CA LEU A 52 6.09 -23.39 -21.07
C LEU A 52 5.84 -22.22 -22.02
N LEU A 53 6.28 -21.01 -21.64
CA LEU A 53 6.14 -19.83 -22.49
C LEU A 53 7.15 -19.79 -23.62
N SER A 54 8.08 -20.75 -23.69
CA SER A 54 8.90 -20.92 -24.88
C SER A 54 8.24 -21.87 -25.88
N GLN A 55 7.69 -23.00 -25.39
CA GLN A 55 7.04 -23.96 -26.28
C GLN A 55 5.78 -23.38 -26.91
N LYS A 56 5.01 -22.62 -26.13
CA LYS A 56 3.92 -21.82 -26.66
C LYS A 56 4.12 -20.38 -26.22
N LYS A 57 4.12 -19.45 -27.18
CA LYS A 57 4.57 -18.09 -26.95
C LYS A 57 3.53 -17.21 -26.26
N SER A 58 2.23 -17.40 -26.50
CA SER A 58 1.19 -16.51 -26.01
C SER A 58 0.13 -17.28 -25.23
N LEU A 59 0.21 -17.23 -23.91
CA LEU A 59 -0.74 -17.93 -23.05
C LEU A 59 -1.41 -16.94 -22.11
N LYS A 60 -2.70 -17.10 -21.90
CA LYS A 60 -3.37 -16.35 -20.86
C LYS A 60 -3.13 -17.01 -19.50
N LEU A 61 -3.37 -16.24 -18.43
CA LEU A 61 -3.12 -16.72 -17.08
C LEU A 61 -3.80 -18.07 -16.83
N GLU A 62 -5.09 -18.17 -17.17
CA GLU A 62 -5.81 -19.39 -16.85
C GLU A 62 -5.30 -20.58 -17.66
N GLU A 63 -4.69 -20.34 -18.83
CA GLU A 63 -4.05 -21.45 -19.55
C GLU A 63 -2.77 -21.88 -18.84
N ILE A 64 -1.98 -20.90 -18.38
CA ILE A 64 -0.83 -21.25 -17.54
C ILE A 64 -1.28 -22.01 -16.31
N VAL A 65 -2.35 -21.53 -15.66
CA VAL A 65 -2.87 -22.16 -14.45
C VAL A 65 -3.22 -23.61 -14.72
N GLU A 66 -3.96 -23.84 -15.81
CA GLU A 66 -4.44 -25.17 -16.14
C GLU A 66 -3.30 -26.14 -16.41
N HIS A 67 -2.32 -25.73 -17.23
CA HIS A 67 -1.30 -26.68 -17.67
C HIS A 67 -0.25 -26.97 -16.60
N LEU A 68 -0.02 -26.07 -15.65
CA LEU A 68 0.94 -26.28 -14.59
C LEU A 68 0.26 -26.65 -13.28
N ALA A 69 -1.05 -26.85 -13.31
CA ALA A 69 -1.86 -27.15 -12.14
C ALA A 69 -1.54 -26.17 -11.01
N ALA A 70 -1.62 -24.88 -11.34
CA ALA A 70 -1.14 -23.82 -10.47
C ALA A 70 -2.30 -23.20 -9.67
N ASN A 71 -1.95 -22.37 -8.72
CA ASN A 71 -2.93 -21.61 -7.94
C ASN A 71 -3.07 -20.23 -8.55
N SER A 72 -4.23 -19.94 -9.15
CA SER A 72 -4.34 -18.78 -10.02
C SER A 72 -4.10 -17.46 -9.29
N GLY A 73 -4.52 -17.37 -8.04
CA GLY A 73 -4.29 -16.15 -7.29
C GLY A 73 -2.82 -15.86 -7.03
N HIS A 74 -2.16 -16.77 -6.31
CA HIS A 74 -0.73 -16.63 -6.10
C HIS A 74 0.02 -16.56 -7.43
N LEU A 75 -0.39 -17.32 -8.44
CA LEU A 75 0.36 -17.24 -9.69
C LEU A 75 0.21 -15.87 -10.31
N MET A 76 -0.97 -15.23 -10.17
CA MET A 76 -1.11 -13.86 -10.66
C MET A 76 -0.16 -12.91 -9.93
N VAL A 77 0.04 -13.10 -8.63
CA VAL A 77 1.00 -12.24 -7.92
C VAL A 77 2.39 -12.36 -8.55
N ALA A 78 2.81 -13.60 -8.83
CA ALA A 78 4.12 -13.85 -9.43
C ALA A 78 4.24 -13.21 -10.79
N MET A 79 3.22 -13.40 -11.66
CA MET A 79 3.32 -12.86 -13.02
C MET A 79 3.42 -11.35 -12.98
N ARG A 80 2.66 -10.70 -12.10
CA ARG A 80 2.76 -9.25 -11.96
C ARG A 80 4.17 -8.86 -11.54
N LEU A 81 4.74 -9.59 -10.58
CA LEU A 81 6.11 -9.32 -10.17
C LEU A 81 7.08 -9.50 -11.33
N LEU A 82 6.89 -10.56 -12.11
CA LEU A 82 7.76 -10.81 -13.26
C LEU A 82 7.56 -9.74 -14.31
N GLU A 83 6.34 -9.24 -14.47
CA GLU A 83 6.13 -8.16 -15.43
C GLU A 83 6.80 -6.87 -14.96
N SER A 84 6.75 -6.58 -13.65
CA SER A 84 7.38 -5.38 -13.13
C SER A 84 8.90 -5.42 -13.24
N LEU A 85 9.49 -6.61 -13.24
CA LEU A 85 10.93 -6.79 -13.46
C LEU A 85 11.28 -6.92 -14.93
N SER A 86 10.29 -6.83 -15.82
CA SER A 86 10.48 -6.87 -17.27
C SER A 86 10.92 -8.25 -17.76
N PHE A 87 10.62 -9.30 -17.01
CA PHE A 87 10.84 -10.66 -17.50
C PHE A 87 9.77 -11.08 -18.52
N LEU A 88 8.63 -10.40 -18.54
CA LEU A 88 7.58 -10.68 -19.51
C LEU A 88 6.69 -9.46 -19.63
N TYR A 89 5.77 -9.51 -20.58
CA TYR A 89 4.74 -8.50 -20.69
C TYR A 89 3.46 -9.16 -21.20
N ARG A 90 2.34 -8.43 -21.04
CA ARG A 90 1.02 -8.86 -21.46
C ARG A 90 0.63 -8.21 -22.78
N SER A 91 -0.03 -8.97 -23.63
CA SER A 91 -0.48 -8.48 -24.93
C SER A 91 -1.82 -7.77 -24.80
N GLN A 92 -2.36 -7.33 -25.95
CA GLN A 92 -3.68 -6.71 -25.94
C GLN A 92 -4.72 -7.67 -25.39
N ALA A 93 -4.62 -8.96 -25.74
CA ALA A 93 -5.53 -9.99 -25.30
C ALA A 93 -5.12 -10.61 -23.97
N GLU A 94 -4.27 -9.93 -23.20
CA GLU A 94 -3.86 -10.34 -21.86
C GLU A 94 -3.10 -11.67 -21.88
N GLU A 95 -2.27 -11.86 -22.90
CA GLU A 95 -1.46 -13.07 -23.01
C GLU A 95 -0.03 -12.74 -22.62
N TYR A 96 0.62 -13.67 -21.93
CA TYR A 96 1.96 -13.46 -21.40
C TYR A 96 3.03 -13.87 -22.42
N ILE A 97 4.04 -13.02 -22.56
CA ILE A 97 5.09 -13.15 -23.57
C ILE A 97 6.42 -12.88 -22.90
N LEU A 98 7.36 -13.82 -23.02
CA LEU A 98 8.68 -13.65 -22.44
C LEU A 98 9.48 -12.54 -23.14
N THR A 99 10.40 -11.95 -22.39
CA THR A 99 11.37 -11.01 -22.94
C THR A 99 12.77 -11.60 -22.77
N GLU A 100 13.76 -10.88 -23.30
CA GLU A 100 15.14 -11.32 -23.18
C GLU A 100 15.60 -11.34 -21.73
N GLN A 101 15.06 -10.44 -20.90
CA GLN A 101 15.43 -10.44 -19.49
C GLN A 101 15.06 -11.74 -18.81
N SER A 102 14.06 -12.46 -19.32
CA SER A 102 13.62 -13.66 -18.61
C SER A 102 14.73 -14.71 -18.53
N GLN A 103 15.69 -14.68 -19.47
CA GLN A 103 16.79 -15.64 -19.46
C GLN A 103 17.62 -15.54 -18.19
N GLN A 104 17.54 -14.41 -17.49
CA GLN A 104 18.24 -14.23 -16.22
C GLN A 104 17.90 -15.31 -15.20
N HIS A 105 16.76 -15.99 -15.34
CA HIS A 105 16.44 -17.02 -14.36
C HIS A 105 17.48 -18.15 -14.36
N GLN A 106 18.22 -18.33 -15.46
CA GLN A 106 19.24 -19.36 -15.50
C GLN A 106 20.48 -18.96 -14.69
N ILE A 107 20.70 -17.65 -14.51
CA ILE A 107 21.85 -17.14 -13.78
C ILE A 107 21.70 -17.34 -12.27
N ILE A 108 20.49 -17.60 -11.78
CA ILE A 108 20.21 -17.63 -10.35
C ILE A 108 20.53 -19.02 -9.81
N PRO A 109 21.49 -19.17 -8.88
CA PRO A 109 21.71 -20.48 -8.22
C PRO A 109 20.51 -20.89 -7.39
N LYS A 110 19.86 -21.99 -7.76
CA LYS A 110 18.64 -22.39 -7.05
C LYS A 110 18.90 -22.84 -5.63
N ALA A 111 20.16 -23.01 -5.23
CA ALA A 111 20.50 -23.29 -3.84
C ALA A 111 20.43 -22.04 -2.95
N LEU A 112 20.32 -20.85 -3.54
CA LEU A 112 20.11 -19.63 -2.76
C LEU A 112 18.95 -19.78 -1.79
N MET A 113 17.91 -20.51 -2.20
CA MET A 113 16.74 -20.66 -1.36
C MET A 113 17.07 -21.20 0.03
N SER A 114 18.23 -21.85 0.19
CA SER A 114 18.64 -22.33 1.52
C SER A 114 18.80 -21.19 2.51
N LEU A 115 19.22 -20.02 2.04
CA LEU A 115 19.43 -18.88 2.92
C LEU A 115 18.15 -18.44 3.65
N TYR A 116 16.96 -18.77 3.14
CA TYR A 116 15.73 -18.40 3.85
C TYR A 116 15.50 -19.24 5.09
N LYS A 117 16.39 -20.18 5.37
CA LYS A 117 16.28 -21.12 6.47
C LYS A 117 17.60 -21.24 7.22
N TYR A 118 18.64 -20.56 6.77
CA TYR A 118 19.97 -20.67 7.35
C TYR A 118 20.03 -19.92 8.68
N PRO A 119 20.51 -20.56 9.76
CA PRO A 119 20.56 -19.87 11.08
C PRO A 119 21.72 -18.89 11.17
N PHE A 120 21.48 -17.67 10.70
CA PHE A 120 22.51 -16.63 10.78
C PHE A 120 22.86 -16.30 12.22
N GLU A 121 21.95 -16.56 13.15
CA GLU A 121 22.29 -16.35 14.56
C GLU A 121 23.38 -17.30 15.00
N LEU A 122 23.30 -18.57 14.60
CA LEU A 122 24.32 -19.54 14.97
C LEU A 122 25.60 -19.38 14.16
N TYR A 123 25.51 -18.85 12.94
CA TYR A 123 26.69 -18.63 12.11
C TYR A 123 27.65 -17.64 12.76
N LEU A 124 27.19 -16.40 12.94
CA LEU A 124 27.76 -15.58 14.00
C LEU A 124 27.66 -16.37 15.29
N LYS A 125 28.59 -16.17 16.21
CA LYS A 125 28.76 -17.03 17.38
C LYS A 125 29.35 -18.40 17.02
N GLY A 126 29.77 -18.59 15.76
CA GLY A 126 30.43 -19.81 15.31
C GLY A 126 29.93 -21.15 15.85
N GLU A 127 28.61 -21.35 15.85
CA GLU A 127 28.03 -22.61 16.29
C GLU A 127 27.41 -23.39 15.13
N VAL A 128 27.89 -23.18 13.91
CA VAL A 128 27.31 -23.78 12.72
C VAL A 128 28.37 -24.62 12.02
N GLU A 129 27.92 -25.67 11.34
CA GLU A 129 28.86 -26.53 10.63
C GLU A 129 29.27 -25.89 9.30
N THR A 130 28.29 -25.49 8.51
CA THR A 130 28.52 -24.91 7.19
C THR A 130 28.38 -23.38 7.26
N GLY A 131 29.35 -22.67 6.70
CA GLY A 131 29.33 -21.22 6.62
C GLY A 131 28.62 -20.72 5.38
N ILE A 132 29.08 -19.56 4.88
CA ILE A 132 28.46 -18.89 3.74
C ILE A 132 29.53 -18.41 2.75
N SER A 133 30.69 -19.08 2.73
CA SER A 133 31.80 -18.60 1.94
C SER A 133 31.47 -18.56 0.45
N ASN A 134 30.77 -19.58 -0.06
CA ASN A 134 30.38 -19.62 -1.46
C ASN A 134 29.58 -18.37 -1.84
N TRP A 135 28.61 -18.00 -1.01
CA TRP A 135 27.76 -16.86 -1.30
C TRP A 135 28.54 -15.55 -1.23
N ILE A 136 29.39 -15.41 -0.22
CA ILE A 136 30.26 -14.23 -0.15
C ILE A 136 31.11 -14.13 -1.41
N ASN A 137 31.57 -15.27 -1.92
CA ASN A 137 32.36 -15.25 -3.15
C ASN A 137 31.50 -14.92 -4.36
N CYS A 138 30.32 -15.54 -4.43
CA CYS A 138 29.35 -15.17 -5.46
C CYS A 138 29.13 -13.66 -5.51
N SER A 139 28.94 -13.07 -4.33
CA SER A 139 28.72 -11.63 -4.25
C SER A 139 29.91 -10.85 -4.79
N SER A 140 31.12 -11.31 -4.51
CA SER A 140 32.30 -10.58 -4.97
C SER A 140 32.46 -10.64 -6.49
N ARG A 141 32.04 -11.74 -7.12
CA ARG A 141 32.05 -11.81 -8.59
C ARG A 141 30.82 -11.15 -9.21
N ARG A 142 30.08 -10.35 -8.44
CA ARG A 142 28.81 -9.74 -8.89
C ARG A 142 27.85 -10.78 -9.45
N TRP A 143 27.84 -11.98 -8.84
CA TRP A 143 26.95 -13.08 -9.21
C TRP A 143 27.07 -13.44 -10.69
N ASP A 144 28.26 -13.28 -11.27
CA ASP A 144 28.57 -13.75 -12.61
C ASP A 144 27.63 -13.17 -13.66
N THR A 145 27.15 -11.95 -13.41
CA THR A 145 26.41 -11.20 -14.42
C THR A 145 26.88 -9.75 -14.36
N GLU A 146 26.67 -9.06 -15.48
CA GLU A 146 26.97 -7.65 -15.62
C GLU A 146 25.72 -6.77 -15.44
N ASN A 147 24.56 -7.39 -15.22
CA ASN A 147 23.34 -6.65 -14.93
C ASN A 147 23.38 -6.22 -13.46
N SER A 148 23.58 -4.91 -13.24
CA SER A 148 23.80 -4.43 -11.87
C SER A 148 22.57 -4.64 -11.00
N LEU A 149 21.38 -4.44 -11.56
CA LEU A 149 20.15 -4.71 -10.81
C LEU A 149 20.10 -6.17 -10.36
N LEU A 150 20.39 -7.10 -11.28
CA LEU A 150 20.32 -8.53 -10.95
C LEU A 150 21.26 -8.88 -9.79
N SER A 151 22.51 -8.40 -9.84
N SER A 151 22.51 -8.42 -9.86
CA SER A 151 23.46 -8.73 -8.79
CA SER A 151 23.47 -8.70 -8.81
C SER A 151 23.01 -8.19 -7.44
C SER A 151 22.98 -8.20 -7.45
N ASP A 152 22.37 -7.01 -7.42
CA ASP A 152 21.84 -6.52 -6.16
C ASP A 152 20.63 -7.32 -5.70
N LEU A 153 19.81 -7.81 -6.65
CA LEU A 153 18.67 -8.63 -6.26
C LEU A 153 19.14 -9.87 -5.52
N LEU A 154 20.17 -10.55 -6.04
CA LEU A 154 20.68 -11.75 -5.39
C LEU A 154 21.41 -11.43 -4.08
N ASP A 155 22.16 -10.31 -4.04
CA ASP A 155 22.78 -9.91 -2.78
C ASP A 155 21.76 -9.81 -1.66
N GLY A 156 20.60 -9.21 -1.94
CA GLY A 156 19.61 -9.01 -0.90
C GLY A 156 19.19 -10.29 -0.21
N VAL A 157 19.23 -11.41 -0.94
CA VAL A 157 18.89 -12.68 -0.33
C VAL A 157 19.87 -13.00 0.79
N LEU A 158 21.15 -12.67 0.60
CA LEU A 158 22.19 -12.84 1.63
C LEU A 158 22.21 -11.70 2.63
N LEU A 159 22.27 -10.47 2.15
CA LEU A 159 22.62 -9.34 3.01
C LEU A 159 21.50 -8.99 3.99
N ILE A 160 20.25 -9.23 3.61
CA ILE A 160 19.13 -8.85 4.47
C ILE A 160 19.12 -9.66 5.77
N PRO A 161 19.11 -11.00 5.75
CA PRO A 161 19.16 -11.73 7.03
C PRO A 161 20.50 -11.61 7.73
N LEU A 162 21.56 -11.20 7.04
CA LEU A 162 22.87 -11.06 7.65
C LEU A 162 23.05 -9.69 8.31
N LEU A 163 22.74 -8.62 7.58
CA LEU A 163 22.83 -7.28 8.15
C LEU A 163 21.94 -7.17 9.38
N LEU A 164 20.76 -7.80 9.34
CA LEU A 164 19.85 -7.75 10.48
C LEU A 164 20.43 -8.48 11.68
N GLU A 165 21.05 -9.64 11.45
CA GLU A 165 21.59 -10.38 12.59
C GLU A 165 22.84 -9.71 13.15
N LEU A 166 23.64 -9.09 12.29
CA LEU A 166 24.77 -8.30 12.77
C LEU A 166 24.33 -7.19 13.72
N LYS A 167 23.23 -6.52 13.43
CA LYS A 167 22.78 -5.46 14.33
C LYS A 167 22.12 -6.03 15.58
N LYS A 168 21.38 -7.14 15.45
CA LYS A 168 20.74 -7.74 16.61
C LYS A 168 21.75 -8.14 17.67
N GLN A 169 23.01 -8.38 17.28
CA GLN A 169 24.06 -8.74 18.21
C GLN A 169 25.08 -7.61 18.37
N ASN A 170 24.72 -6.40 17.96
CA ASN A 170 25.52 -5.20 18.22
C ASN A 170 26.92 -5.29 17.63
N LEU A 171 27.09 -6.09 16.59
CA LEU A 171 28.39 -6.24 15.94
C LEU A 171 28.71 -5.08 15.02
N LEU A 172 27.88 -4.03 15.00
CA LEU A 172 28.10 -2.91 14.10
C LEU A 172 28.06 -1.53 14.77
N ASP A 173 27.52 -1.41 15.99
CA ASP A 173 27.34 -0.09 16.59
C ASP A 173 28.64 0.51 17.10
N GLU A 174 29.61 -0.33 17.49
CA GLU A 174 30.97 0.15 17.77
C GLU A 174 31.73 0.10 16.45
N SER A 175 31.70 1.22 15.70
CA SER A 175 32.38 1.28 14.41
C SER A 175 33.88 1.50 14.53
N LYS A 176 34.42 1.48 15.74
CA LYS A 176 35.86 1.39 15.96
C LYS A 176 36.21 -0.06 16.24
N LYS A 177 37.12 -0.62 15.44
CA LYS A 177 37.48 -2.05 15.50
C LYS A 177 36.23 -2.92 15.43
N ILE A 178 35.67 -2.98 14.21
CA ILE A 178 34.55 -3.86 13.95
C ILE A 178 35.05 -5.30 13.85
N PHE A 179 34.25 -6.23 14.36
CA PHE A 179 34.36 -7.69 14.19
C PHE A 179 35.35 -8.36 15.13
N ASN A 180 36.08 -7.63 15.98
CA ASN A 180 37.15 -8.26 16.76
C ASN A 180 36.63 -9.17 17.87
N THR A 181 35.34 -9.14 18.19
CA THR A 181 34.77 -10.11 19.10
C THR A 181 34.51 -11.46 18.42
N LEU A 182 34.88 -11.60 17.15
CA LEU A 182 34.63 -12.80 16.37
C LEU A 182 35.92 -13.56 16.14
N THR A 183 35.79 -14.88 15.94
CA THR A 183 36.94 -15.70 15.57
C THR A 183 37.58 -15.17 14.29
N ASN A 184 38.84 -15.57 14.08
CA ASN A 184 39.62 -15.01 12.97
C ASN A 184 38.98 -15.31 11.63
N SER A 185 38.51 -16.55 11.43
CA SER A 185 37.89 -16.91 10.16
C SER A 185 36.61 -16.11 9.95
N LEU A 186 35.72 -16.15 10.94
CA LEU A 186 34.49 -15.35 10.87
C LEU A 186 34.81 -13.89 10.57
N LYS A 187 35.83 -13.36 11.26
CA LYS A 187 36.21 -11.96 11.02
C LYS A 187 36.66 -11.74 9.58
N GLN A 188 37.40 -12.71 9.01
CA GLN A 188 37.97 -12.52 7.68
C GLN A 188 36.89 -12.52 6.60
N GLU A 189 35.93 -13.46 6.69
CA GLU A 189 34.84 -13.51 5.73
C GLU A 189 34.06 -12.21 5.72
N LEU A 190 33.54 -11.82 6.90
CA LEU A 190 32.74 -10.61 7.00
C LEU A 190 33.53 -9.39 6.57
N SER A 191 34.84 -9.35 6.87
CA SER A 191 35.65 -8.23 6.45
C SER A 191 35.75 -8.18 4.94
N THR A 192 36.05 -9.33 4.33
CA THR A 192 36.06 -9.42 2.87
C THR A 192 34.73 -8.99 2.28
N LEU A 193 33.62 -9.41 2.90
CA LEU A 193 32.30 -9.05 2.40
C LEU A 193 32.09 -7.54 2.41
N PHE A 194 32.27 -6.90 3.56
CA PHE A 194 31.99 -5.47 3.65
C PHE A 194 32.94 -4.67 2.77
N ILE A 195 34.21 -5.10 2.68
CA ILE A 195 35.17 -4.38 1.86
C ILE A 195 34.82 -4.51 0.38
N ASN A 196 34.30 -5.65 -0.04
CA ASN A 196 33.87 -5.80 -1.43
C ASN A 196 32.61 -4.98 -1.71
N LEU A 197 31.73 -4.85 -0.72
CA LEU A 197 30.51 -4.07 -0.84
C LEU A 197 30.75 -2.56 -0.70
N GLY A 198 31.98 -2.12 -0.45
CA GLY A 198 32.22 -0.74 -0.13
C GLY A 198 31.65 -0.31 1.20
N TRP A 199 31.25 -1.25 2.06
CA TRP A 199 30.64 -0.88 3.33
C TRP A 199 31.67 -0.58 4.42
N ALA A 200 32.85 -1.20 4.34
CA ALA A 200 33.91 -0.98 5.30
C ALA A 200 35.22 -0.72 4.56
N GLU A 201 36.20 -0.23 5.31
CA GLU A 201 37.57 -0.07 4.83
C GLU A 201 38.50 -0.10 6.03
N GLU A 202 39.79 -0.27 5.75
CA GLU A 202 40.82 -0.15 6.77
C GLU A 202 42.05 0.48 6.16
N LYS A 203 42.40 1.68 6.63
CA LYS A 203 43.57 2.39 6.14
C LYS A 203 44.80 2.13 7.02
N THR A 204 44.71 2.51 8.30
CA THR A 204 45.72 2.21 9.29
C THR A 204 45.05 1.64 10.53
N GLU A 205 45.83 0.95 11.35
CA GLU A 205 45.36 0.38 12.60
C GLU A 205 44.31 -0.71 12.38
N GLY A 206 43.03 -0.34 12.38
CA GLY A 206 41.96 -1.33 12.30
C GLY A 206 40.91 -1.10 11.23
N LEU A 207 39.83 -1.89 11.28
CA LEU A 207 38.77 -1.83 10.30
C LEU A 207 37.70 -0.83 10.70
N TYR A 208 37.23 -0.03 9.73
CA TYR A 208 36.25 1.02 9.99
C TYR A 208 35.19 1.02 8.90
N LEU A 209 33.92 0.95 9.31
CA LEU A 209 32.81 0.82 8.37
C LEU A 209 32.35 2.20 7.91
N THR A 210 32.25 2.37 6.60
CA THR A 210 32.20 3.67 5.94
C THR A 210 30.83 4.36 5.99
N ASP A 211 30.62 5.33 5.11
CA ASP A 211 29.34 6.02 5.01
C ASP A 211 28.24 5.08 4.55
N ILE A 212 28.38 4.53 3.34
CA ILE A 212 27.45 3.52 2.84
C ILE A 212 27.33 2.37 3.82
N GLY A 213 28.42 2.07 4.53
CA GLY A 213 28.34 1.09 5.61
C GLY A 213 27.43 1.55 6.74
N ARG A 214 27.56 2.80 7.15
CA ARG A 214 26.70 3.30 8.24
C ARG A 214 25.26 3.47 7.77
N PHE A 215 25.09 3.95 6.53
CA PHE A 215 23.77 4.05 5.92
C PHE A 215 23.01 2.74 6.07
N MET A 216 23.64 1.63 5.67
CA MET A 216 23.00 0.32 5.76
C MET A 216 22.72 -0.08 7.19
N ARG A 217 23.64 0.23 8.10
CA ARG A 217 23.40 -0.11 9.50
C ARG A 217 22.26 0.71 10.09
N ASP A 218 22.20 2.00 9.76
CA ASP A 218 21.18 2.86 10.35
C ASP A 218 19.78 2.47 9.89
N ARG A 219 19.64 2.13 8.60
CA ARG A 219 18.35 1.81 7.98
C ARG A 219 17.97 0.34 8.09
N SER A 220 18.72 -0.45 8.85
CA SER A 220 18.52 -1.90 8.81
C SER A 220 17.09 -2.28 9.20
N LEU A 221 16.51 -1.60 10.20
CA LEU A 221 15.21 -2.04 10.73
C LEU A 221 14.09 -1.90 9.69
N ASN A 222 14.24 -1.03 8.69
CA ASN A 222 13.27 -0.99 7.60
C ASN A 222 13.12 -2.34 6.93
N LEU A 223 14.23 -3.04 6.72
CA LEU A 223 14.22 -4.33 6.04
C LEU A 223 13.49 -5.41 6.83
N GLY A 224 13.20 -5.16 8.11
CA GLY A 224 12.63 -6.19 8.98
C GLY A 224 11.19 -6.55 8.67
N THR A 225 10.43 -5.65 8.05
CA THR A 225 9.10 -6.03 7.60
C THR A 225 9.18 -7.05 6.46
N THR A 226 9.97 -6.74 5.43
CA THR A 226 10.17 -7.69 4.33
C THR A 226 10.75 -9.01 4.84
N ALA A 227 11.85 -8.91 5.61
CA ALA A 227 12.52 -10.09 6.15
C ALA A 227 11.59 -10.98 6.96
N SER A 228 10.57 -10.41 7.60
CA SER A 228 9.77 -11.24 8.50
C SER A 228 8.94 -12.28 7.75
N TYR A 229 8.74 -12.11 6.44
CA TYR A 229 8.00 -13.07 5.64
C TYR A 229 8.88 -14.18 5.07
N ALA A 230 10.11 -14.33 5.54
CA ALA A 230 10.96 -15.42 5.07
C ALA A 230 10.31 -16.81 5.13
N PRO A 231 9.54 -17.18 6.15
CA PRO A 231 8.87 -18.50 6.09
C PRO A 231 7.93 -18.63 4.90
N MET A 232 7.10 -17.62 4.66
CA MET A 232 6.20 -17.67 3.52
C MET A 232 6.98 -17.78 2.21
N LEU A 233 8.00 -16.94 2.04
CA LEU A 233 8.71 -16.89 0.77
C LEU A 233 9.44 -18.20 0.52
N LEU A 234 9.95 -18.84 1.58
CA LEU A 234 10.58 -20.14 1.44
C LEU A 234 9.65 -21.13 0.76
N GLN A 235 8.36 -21.04 1.05
CA GLN A 235 7.36 -21.97 0.52
C GLN A 235 6.63 -21.40 -0.70
N MET A 236 7.32 -20.58 -1.49
CA MET A 236 6.76 -20.07 -2.74
C MET A 236 6.27 -21.21 -3.63
N LYS A 237 7.03 -22.30 -3.68
CA LYS A 237 6.62 -23.46 -4.46
C LYS A 237 5.22 -23.91 -4.08
N GLU A 238 4.96 -24.01 -2.78
CA GLU A 238 3.65 -24.45 -2.30
C GLU A 238 2.56 -23.43 -2.61
N LEU A 239 2.87 -22.13 -2.55
CA LEU A 239 1.87 -21.11 -2.86
C LEU A 239 1.46 -21.18 -4.32
N LEU A 240 2.44 -21.26 -5.22
CA LEU A 240 2.18 -21.25 -6.64
C LEU A 240 1.59 -22.58 -7.12
N PHE A 241 2.11 -23.69 -6.62
CA PHE A 241 1.88 -24.99 -7.26
C PHE A 241 1.36 -26.05 -6.32
N GLY A 242 1.28 -25.78 -5.01
CA GLY A 242 0.80 -26.78 -4.08
C GLY A 242 -0.49 -26.40 -3.36
N ASN A 243 -0.57 -26.78 -2.09
CA ASN A 243 -1.70 -26.47 -1.24
C ASN A 243 -1.33 -25.27 -0.38
N PRO A 244 -1.81 -24.06 -0.70
CA PRO A 244 -1.31 -22.86 0.00
C PRO A 244 -1.70 -22.80 1.47
N GLN A 245 -2.77 -23.48 1.88
CA GLN A 245 -3.15 -23.49 3.29
C GLN A 245 -2.10 -24.13 4.19
N ARG A 246 -1.22 -24.97 3.64
CA ARG A 246 -0.14 -25.51 4.45
C ARG A 246 0.87 -24.44 4.84
N VAL A 247 0.90 -23.32 4.11
CA VAL A 247 1.80 -22.24 4.46
C VAL A 247 1.24 -21.38 5.60
N PHE A 248 -0.09 -21.29 5.71
CA PHE A 248 -0.70 -20.31 6.62
C PHE A 248 -1.37 -20.92 7.84
N GLN A 249 -1.85 -22.17 7.74
CA GLN A 249 -2.70 -22.74 8.76
C GLN A 249 -2.07 -22.65 10.14
N ARG A 250 -2.89 -22.35 11.13
CA ARG A 250 -2.41 -22.00 12.46
C ARG A 250 -2.78 -23.09 13.46
N ASN A 251 -1.90 -23.32 14.42
CA ASN A 251 -1.99 -24.42 15.36
C ASN A 251 -3.14 -24.18 16.33
N LYS A 252 -3.24 -25.05 17.34
CA LYS A 252 -4.13 -24.78 18.46
C LYS A 252 -3.64 -23.57 19.25
N THR A 253 -2.32 -23.42 19.39
CA THR A 253 -1.74 -22.23 20.00
C THR A 253 -2.16 -20.96 19.27
N GLU A 254 -2.42 -21.06 17.96
CA GLU A 254 -2.82 -19.95 17.10
C GLU A 254 -1.68 -18.95 16.90
N LYS A 255 -0.46 -19.47 16.76
CA LYS A 255 0.69 -18.67 16.38
C LYS A 255 0.90 -18.78 14.87
N GLU A 256 1.35 -17.69 14.26
CA GLU A 256 1.44 -17.59 12.80
C GLU A 256 2.72 -18.23 12.29
N ARG A 257 2.58 -19.11 11.30
CA ARG A 257 3.75 -19.78 10.73
C ARG A 257 4.29 -19.11 9.48
N HIS A 258 3.47 -18.32 8.77
CA HIS A 258 3.92 -17.71 7.52
C HIS A 258 4.78 -16.48 7.74
N VAL A 259 4.77 -15.91 8.93
CA VAL A 259 5.47 -14.66 9.19
C VAL A 259 5.98 -14.67 10.63
N ASN A 260 7.16 -14.11 10.83
CA ASN A 260 7.67 -13.89 12.18
C ASN A 260 7.02 -12.59 12.67
N ARG A 261 5.86 -12.72 13.33
CA ARG A 261 5.04 -11.54 13.62
C ARG A 261 5.75 -10.58 14.58
N THR A 262 6.52 -11.12 15.53
CA THR A 262 7.16 -10.27 16.52
C THR A 262 8.13 -9.29 15.90
N LEU A 263 9.01 -9.78 15.01
CA LEU A 263 9.89 -8.85 14.29
C LEU A 263 9.08 -7.92 13.41
N ASN A 264 8.02 -8.45 12.78
CA ASN A 264 7.15 -7.66 11.92
C ASN A 264 6.57 -6.45 12.66
N VAL A 265 5.89 -6.70 13.79
CA VAL A 265 5.28 -5.62 14.56
C VAL A 265 6.30 -4.55 14.93
N VAL A 266 7.47 -4.96 15.42
CA VAL A 266 8.49 -4.00 15.84
C VAL A 266 9.00 -3.19 14.66
N ALA A 267 9.35 -3.85 13.56
CA ALA A 267 9.82 -3.12 12.40
C ALA A 267 8.71 -2.25 11.80
N SER A 268 7.47 -2.75 11.83
CA SER A 268 6.34 -1.99 11.32
C SER A 268 6.09 -0.73 12.14
N GLY A 269 6.00 -0.87 13.47
CA GLY A 269 5.86 0.30 14.32
C GLY A 269 6.85 1.39 14.00
N PHE A 270 8.12 1.01 13.80
CA PHE A 270 9.15 2.00 13.50
C PHE A 270 8.90 2.71 12.18
N GLN A 271 8.18 2.06 11.26
CA GLN A 271 7.86 2.70 9.99
C GLN A 271 6.59 3.54 10.11
N HIS A 272 5.52 2.97 10.69
CA HIS A 272 4.26 3.68 10.83
C HIS A 272 4.42 4.99 11.60
N GLU A 273 5.37 5.04 12.54
CA GLU A 273 5.48 6.21 13.39
C GLU A 273 5.90 7.43 12.59
N LYS A 274 6.60 7.23 11.47
CA LYS A 274 6.91 8.34 10.57
C LYS A 274 5.65 9.05 10.09
N PHE A 275 4.57 8.31 9.86
CA PHE A 275 3.34 8.90 9.35
C PHE A 275 2.40 9.40 10.44
N PHE A 276 2.57 8.92 11.68
CA PHE A 276 1.75 9.43 12.77
C PHE A 276 1.91 10.94 12.92
N ALA A 277 3.11 11.47 12.66
CA ALA A 277 3.34 12.90 12.82
C ALA A 277 2.49 13.74 11.87
N ASP A 278 2.13 13.20 10.70
CA ASP A 278 1.25 13.91 9.76
C ASP A 278 -0.16 14.04 10.27
N THR A 279 -0.57 13.29 11.29
CA THR A 279 -1.88 13.53 11.87
C THR A 279 -1.89 14.74 12.79
N ASP A 280 -0.70 15.24 13.18
CA ASP A 280 -0.63 16.38 14.09
C ASP A 280 -1.41 17.58 13.56
N LYS A 281 -1.18 17.96 12.29
CA LYS A 281 -1.86 19.15 11.77
C LYS A 281 -3.36 18.95 11.71
N ILE A 282 -3.80 17.70 11.50
CA ILE A 282 -5.23 17.40 11.51
C ILE A 282 -5.80 17.55 12.91
N ILE A 283 -5.17 16.91 13.88
CA ILE A 283 -5.59 16.95 15.28
C ILE A 283 -5.64 18.40 15.76
N ILE A 284 -4.58 19.16 15.48
CA ILE A 284 -4.51 20.56 15.93
C ILE A 284 -5.66 21.34 15.31
N SER A 285 -5.90 21.14 14.02
CA SER A 285 -7.01 21.82 13.38
C SER A 285 -8.33 21.47 14.04
N ILE A 286 -8.58 20.18 14.25
CA ILE A 286 -9.85 19.74 14.81
C ILE A 286 -10.06 20.35 16.19
N PHE A 287 -9.01 20.38 17.01
CA PHE A 287 -9.19 20.76 18.41
C PHE A 287 -8.85 22.23 18.69
N ASN A 288 -8.54 23.00 17.64
CA ASN A 288 -8.64 24.45 17.66
C ASN A 288 -10.00 24.95 17.21
N GLN A 289 -10.81 24.10 16.58
CA GLN A 289 -12.06 24.55 16.00
C GLN A 289 -13.02 25.00 17.09
N GLN A 290 -13.45 26.26 17.02
CA GLN A 290 -14.39 26.82 17.98
C GLN A 290 -15.82 26.40 17.65
N PRO A 291 -16.69 26.22 18.67
CA PRO A 291 -16.41 26.24 20.12
C PRO A 291 -15.94 24.89 20.68
N ILE A 292 -15.27 24.97 21.83
CA ILE A 292 -14.67 23.79 22.47
C ILE A 292 -15.71 22.69 22.66
N GLU A 293 -16.88 23.08 23.17
CA GLU A 293 -17.92 22.13 23.56
C GLU A 293 -18.49 21.36 22.37
N GLU A 294 -18.33 21.85 21.16
CA GLU A 294 -18.82 21.11 20.01
C GLU A 294 -17.75 20.22 19.40
N GLN A 295 -16.54 20.21 19.96
CA GLN A 295 -15.46 19.33 19.52
C GLN A 295 -15.75 17.89 19.95
N PRO A 296 -15.04 16.91 19.38
CA PRO A 296 -15.19 15.53 19.88
C PRO A 296 -14.83 15.40 21.35
N ILE A 297 -15.38 14.35 21.97
CA ILE A 297 -15.00 13.96 23.31
C ILE A 297 -14.17 12.68 23.31
N TYR A 298 -14.50 11.77 22.39
CA TYR A 298 -13.90 10.46 22.33
C TYR A 298 -13.13 10.30 21.03
N ILE A 299 -11.95 9.71 21.14
CA ILE A 299 -11.10 9.43 19.98
C ILE A 299 -10.91 7.93 19.98
N VAL A 300 -11.49 7.25 18.98
CA VAL A 300 -11.65 5.80 18.99
C VAL A 300 -10.82 5.19 17.86
N ASP A 301 -9.80 4.42 18.21
CA ASP A 301 -8.82 3.88 17.27
C ASP A 301 -9.10 2.40 17.06
N MET A 302 -9.52 2.04 15.85
CA MET A 302 -9.80 0.65 15.52
C MET A 302 -8.49 0.00 15.06
N GLY A 303 -8.05 -1.01 15.82
CA GLY A 303 -6.76 -1.65 15.59
C GLY A 303 -5.62 -0.93 16.26
N CYS A 304 -5.79 -0.63 17.55
CA CYS A 304 -4.91 0.31 18.24
C CYS A 304 -3.51 -0.22 18.44
N GLY A 305 -3.31 -1.54 18.42
CA GLY A 305 -1.96 -2.09 18.54
C GLY A 305 -1.42 -1.85 19.94
N ASP A 306 -0.32 -1.10 20.07
CA ASP A 306 0.15 -0.71 21.38
C ASP A 306 -0.33 0.67 21.83
N GLY A 307 -1.21 1.31 21.06
CA GLY A 307 -1.71 2.62 21.45
C GLY A 307 -0.78 3.77 21.18
N THR A 308 0.25 3.56 20.35
CA THR A 308 1.21 4.62 20.08
C THR A 308 0.52 5.84 19.50
N LEU A 309 -0.35 5.64 18.51
CA LEU A 309 -1.01 6.76 17.88
C LEU A 309 -1.95 7.48 18.86
N LEU A 310 -2.72 6.73 19.65
CA LEU A 310 -3.59 7.38 20.63
C LEU A 310 -2.79 8.26 21.58
N LYS A 311 -1.66 7.73 22.06
CA LYS A 311 -0.81 8.50 22.98
C LYS A 311 -0.36 9.80 22.32
N ARG A 312 0.17 9.70 21.09
CA ARG A 312 0.63 10.88 20.38
C ARG A 312 -0.48 11.91 20.24
N ILE A 313 -1.66 11.47 19.77
CA ILE A 313 -2.76 12.40 19.53
C ILE A 313 -3.09 13.13 20.82
N TYR A 314 -3.09 12.42 21.95
CA TYR A 314 -3.46 13.07 23.21
C TYR A 314 -2.48 14.17 23.54
N LYS A 315 -1.18 13.84 23.50
CA LYS A 315 -0.13 14.81 23.79
C LYS A 315 -0.18 16.00 22.83
N ILE A 316 -0.43 15.77 21.53
CA ILE A 316 -0.55 16.90 20.60
C ILE A 316 -1.68 17.83 21.03
N ILE A 317 -2.85 17.25 21.38
CA ILE A 317 -3.98 18.05 21.87
C ILE A 317 -3.54 18.86 23.10
N LYS A 318 -2.95 18.18 24.07
CA LYS A 318 -2.63 18.83 25.33
C LYS A 318 -1.68 19.99 25.10
N GLN A 319 -0.66 19.80 24.27
CA GLN A 319 0.40 20.78 24.10
C GLN A 319 0.08 21.86 23.07
N PHE A 320 -0.65 21.55 21.99
CA PHE A 320 -0.68 22.46 20.84
C PHE A 320 -2.08 22.89 20.41
N SER A 321 -3.14 22.53 21.12
CA SER A 321 -4.47 22.93 20.67
C SER A 321 -5.18 23.76 21.74
N ALA A 322 -6.16 24.56 21.30
CA ALA A 322 -6.99 25.28 22.25
C ALA A 322 -7.63 24.31 23.23
N ARG A 323 -8.02 23.12 22.74
CA ARG A 323 -8.66 22.13 23.60
C ARG A 323 -7.74 21.71 24.75
N GLY A 324 -6.43 21.65 24.50
CA GLY A 324 -5.49 21.24 25.53
C GLY A 324 -5.38 22.20 26.71
N LYS A 325 -5.83 23.44 26.56
CA LYS A 325 -5.81 24.40 27.65
C LYS A 325 -6.94 24.18 28.67
N VAL A 326 -8.00 23.46 28.31
CA VAL A 326 -9.21 23.36 29.11
C VAL A 326 -9.67 21.91 29.28
N LEU A 327 -8.73 20.95 29.31
CA LEU A 327 -9.15 19.56 29.52
C LEU A 327 -9.79 19.36 30.88
N THR A 328 -9.46 20.20 31.87
CA THR A 328 -10.13 20.12 33.18
C THR A 328 -11.64 20.21 33.03
N GLU A 329 -12.12 21.22 32.31
CA GLU A 329 -13.55 21.43 32.07
C GLU A 329 -14.10 20.56 30.95
N TYR A 330 -13.31 20.22 29.92
CA TYR A 330 -13.79 19.46 28.76
C TYR A 330 -12.85 18.30 28.47
N PRO A 331 -12.92 17.23 29.29
CA PRO A 331 -12.00 16.11 29.11
C PRO A 331 -12.11 15.43 27.75
N ILE A 332 -10.99 14.85 27.33
CA ILE A 332 -10.90 13.96 26.19
C ILE A 332 -10.72 12.54 26.70
N ILE A 333 -11.43 11.59 26.09
CA ILE A 333 -11.30 10.17 26.42
C ILE A 333 -10.77 9.44 25.19
N MET A 334 -9.62 8.79 25.33
CA MET A 334 -9.05 8.00 24.26
C MET A 334 -9.55 6.56 24.35
N VAL A 335 -9.98 5.99 23.23
CA VAL A 335 -10.50 4.62 23.22
C VAL A 335 -9.70 3.77 22.24
N GLY A 336 -9.00 2.76 22.76
CA GLY A 336 -8.34 1.76 21.94
C GLY A 336 -9.26 0.56 21.73
N VAL A 337 -9.34 0.12 20.46
CA VAL A 337 -10.17 -1.02 20.06
C VAL A 337 -9.30 -1.99 19.28
N ASP A 338 -9.34 -3.28 19.63
CA ASP A 338 -8.53 -4.28 18.95
C ASP A 338 -9.20 -5.65 19.10
N TYR A 339 -8.94 -6.56 18.16
CA TYR A 339 -9.56 -7.88 18.29
C TYR A 339 -8.73 -8.85 19.10
N ASN A 340 -7.59 -8.39 19.60
CA ASN A 340 -6.61 -9.21 20.29
C ASN A 340 -6.45 -8.69 21.72
N GLN A 341 -6.78 -9.54 22.69
CA GLN A 341 -6.77 -9.10 24.09
C GLN A 341 -5.37 -8.67 24.55
N GLU A 342 -4.31 -9.29 24.04
CA GLU A 342 -2.97 -8.83 24.42
C GLU A 342 -2.73 -7.39 23.99
N ALA A 343 -3.27 -7.01 22.83
CA ALA A 343 -3.10 -5.65 22.34
C ALA A 343 -3.82 -4.65 23.24
N LEU A 344 -5.06 -4.98 23.63
CA LEU A 344 -5.77 -4.16 24.60
C LEU A 344 -4.94 -3.98 25.87
N ASP A 345 -4.24 -5.04 26.31
CA ASP A 345 -3.49 -4.93 27.56
C ASP A 345 -2.29 -4.02 27.40
N VAL A 346 -1.53 -4.17 26.31
CA VAL A 346 -0.39 -3.28 26.09
C VAL A 346 -0.89 -1.84 25.93
N THR A 347 -2.00 -1.67 25.21
CA THR A 347 -2.53 -0.32 25.02
C THR A 347 -2.98 0.29 26.35
N ASP A 348 -3.68 -0.50 27.17
CA ASP A 348 -4.11 -0.01 28.49
C ASP A 348 -2.91 0.43 29.33
N LYS A 349 -1.78 -0.25 29.18
CA LYS A 349 -0.61 0.06 29.99
C LYS A 349 0.17 1.25 29.42
N ASN A 350 0.17 1.40 28.09
CA ASN A 350 0.85 2.52 27.43
C ASN A 350 0.10 3.83 27.65
N LEU A 351 -1.22 3.77 27.76
CA LEU A 351 -2.05 4.96 27.99
C LEU A 351 -2.22 5.29 29.45
N VAL A 352 -1.24 4.93 30.29
CA VAL A 352 -1.29 5.34 31.69
C VAL A 352 -1.26 6.86 31.77
N ASP A 353 -2.05 7.40 32.70
CA ASP A 353 -2.20 8.82 33.00
C ASP A 353 -2.99 9.56 31.92
N ILE A 354 -3.52 8.86 30.93
CA ILE A 354 -4.43 9.41 29.93
C ILE A 354 -5.82 8.81 30.14
N PRO A 355 -6.88 9.61 30.24
CA PRO A 355 -8.22 9.02 30.38
C PRO A 355 -8.51 8.16 29.16
N HIS A 356 -8.69 6.87 29.39
CA HIS A 356 -8.80 5.96 28.27
C HIS A 356 -9.76 4.82 28.59
N LEU A 357 -10.00 4.01 27.57
CA LEU A 357 -10.90 2.88 27.62
C LEU A 357 -10.41 1.93 26.54
N VAL A 358 -10.31 0.64 26.84
CA VAL A 358 -9.97 -0.37 25.84
C VAL A 358 -11.11 -1.35 25.73
N ILE A 359 -11.52 -1.67 24.50
CA ILE A 359 -12.62 -2.59 24.28
C ILE A 359 -12.31 -3.46 23.07
N PRO A 360 -12.85 -4.68 23.05
CA PRO A 360 -12.65 -5.56 21.88
C PRO A 360 -13.48 -5.09 20.70
N GLY A 361 -12.97 -5.34 19.50
CA GLY A 361 -13.73 -5.01 18.30
C GLY A 361 -12.98 -5.47 17.08
N ASP A 362 -13.67 -5.38 15.94
CA ASP A 362 -13.17 -5.89 14.67
C ASP A 362 -13.36 -4.84 13.59
N ILE A 363 -12.31 -4.66 12.76
CA ILE A 363 -12.34 -3.70 11.65
C ILE A 363 -13.51 -3.94 10.71
N GLY A 364 -14.00 -5.17 10.63
CA GLY A 364 -15.13 -5.44 9.79
C GLY A 364 -16.48 -5.26 10.43
N ALA A 365 -16.55 -4.86 11.70
CA ALA A 365 -17.82 -4.83 12.42
C ALA A 365 -18.06 -3.47 13.08
N PRO A 366 -18.19 -2.40 12.29
CA PRO A 366 -18.48 -1.10 12.89
C PRO A 366 -19.80 -1.06 13.64
N GLU A 367 -20.82 -1.81 13.17
CA GLU A 367 -22.09 -1.90 13.89
C GLU A 367 -21.91 -2.45 15.30
N LYS A 368 -20.98 -3.39 15.49
CA LYS A 368 -20.76 -3.90 16.84
C LYS A 368 -20.00 -2.91 17.69
N LEU A 369 -19.05 -2.18 17.09
CA LEU A 369 -18.39 -1.10 17.81
C LEU A 369 -19.41 -0.12 18.35
N LEU A 370 -20.29 0.35 17.46
CA LEU A 370 -21.31 1.33 17.85
C LEU A 370 -22.18 0.82 18.98
N GLU A 371 -22.59 -0.46 18.89
CA GLU A 371 -23.37 -1.08 19.96
C GLU A 371 -22.55 -1.13 21.25
N GLN A 372 -21.29 -1.54 21.16
CA GLN A 372 -20.44 -1.60 22.34
C GLN A 372 -20.19 -0.21 22.93
N LEU A 373 -20.11 0.83 22.10
CA LEU A 373 -19.91 2.17 22.64
C LEU A 373 -21.13 2.61 23.45
N LYS A 374 -22.33 2.41 22.89
CA LYS A 374 -23.54 2.84 23.57
C LYS A 374 -23.75 2.09 24.89
N ALA A 375 -23.33 0.83 24.95
CA ALA A 375 -23.41 0.08 26.19
C ALA A 375 -22.58 0.73 27.29
N GLN A 376 -21.51 1.45 26.93
CA GLN A 376 -20.67 2.19 27.85
C GLN A 376 -21.23 3.56 28.18
N GLY A 377 -22.37 3.95 27.59
CA GLY A 377 -22.88 5.29 27.77
C GLY A 377 -22.28 6.32 26.83
N ILE A 378 -21.42 5.92 25.91
CA ILE A 378 -20.78 6.87 25.02
C ILE A 378 -21.79 7.38 24.00
N GLU A 379 -21.89 8.70 23.89
CA GLU A 379 -22.78 9.33 22.91
C GLU A 379 -22.13 9.28 21.52
N PRO A 380 -22.67 8.50 20.59
CA PRO A 380 -21.92 8.20 19.36
C PRO A 380 -21.59 9.42 18.54
N GLU A 381 -22.42 10.46 18.60
CA GLU A 381 -22.16 11.65 17.80
C GLU A 381 -21.03 12.48 18.39
N LYS A 382 -20.42 12.06 19.48
CA LYS A 382 -19.28 12.76 20.05
C LYS A 382 -17.96 12.06 19.75
N VAL A 383 -17.96 11.13 18.80
CA VAL A 383 -16.79 10.31 18.51
C VAL A 383 -16.12 10.79 17.23
N LEU A 384 -14.82 11.05 17.33
CA LEU A 384 -13.91 11.00 16.19
C LEU A 384 -13.34 9.58 16.05
N HIS A 385 -13.67 8.90 14.94
CA HIS A 385 -13.09 7.60 14.63
C HIS A 385 -11.77 7.76 13.87
N ILE A 386 -10.78 6.95 14.24
CA ILE A 386 -9.47 6.97 13.61
C ILE A 386 -9.02 5.53 13.37
N ARG A 387 -8.06 5.37 12.46
CA ARG A 387 -7.34 4.12 12.31
C ARG A 387 -6.18 4.33 11.36
N SER A 388 -5.25 3.39 11.39
CA SER A 388 -4.06 3.51 10.55
C SER A 388 -3.63 2.14 10.07
N PHE A 389 -3.68 1.94 8.76
CA PHE A 389 -3.05 0.80 8.11
C PHE A 389 -3.76 -0.50 8.43
N LEU A 390 -5.09 -0.46 8.50
CA LEU A 390 -5.86 -1.62 8.86
C LEU A 390 -6.92 -2.05 7.82
N ASP A 391 -7.40 -1.15 6.95
CA ASP A 391 -8.49 -1.59 6.07
C ASP A 391 -8.03 -2.67 5.11
N HIS A 392 -6.78 -2.60 4.65
CA HIS A 392 -6.25 -3.60 3.74
C HIS A 392 -6.00 -4.94 4.41
N ASP A 393 -6.01 -4.99 5.75
CA ASP A 393 -5.74 -6.24 6.45
C ASP A 393 -6.97 -6.78 7.13
N ARG A 394 -8.15 -6.38 6.65
CA ARG A 394 -9.41 -6.82 7.23
C ARG A 394 -9.67 -8.27 6.82
N PRO A 395 -10.56 -8.95 7.52
CA PRO A 395 -11.05 -10.24 7.02
C PRO A 395 -11.92 -10.01 5.79
N PHE A 396 -11.57 -10.63 4.67
CA PHE A 396 -12.30 -10.40 3.44
C PHE A 396 -13.73 -10.92 3.57
N ILE A 397 -14.70 -10.03 3.40
CA ILE A 397 -16.10 -10.41 3.26
C ILE A 397 -16.49 -10.24 1.81
N ALA A 398 -17.03 -11.31 1.22
CA ALA A 398 -17.43 -11.29 -0.17
C ALA A 398 -18.60 -10.32 -0.39
N PRO A 399 -18.68 -9.70 -1.57
CA PRO A 399 -19.77 -8.77 -1.85
C PRO A 399 -21.14 -9.42 -1.73
N LYS A 400 -22.06 -8.70 -1.09
CA LYS A 400 -23.45 -9.09 -1.06
C LYS A 400 -24.27 -8.47 -2.19
N ASN A 401 -23.82 -7.36 -2.77
N ASN A 401 -23.83 -7.35 -2.77
CA ASN A 401 -24.59 -6.66 -3.80
CA ASN A 401 -24.60 -6.68 -3.80
C ASN A 401 -24.13 -7.18 -5.17
C ASN A 401 -24.11 -7.19 -5.15
N THR A 402 -24.73 -8.28 -5.61
CA THR A 402 -24.28 -8.92 -6.86
C THR A 402 -24.59 -8.07 -8.09
N GLU A 403 -25.67 -7.27 -8.05
CA GLU A 403 -26.00 -6.41 -9.18
C GLU A 403 -24.93 -5.36 -9.41
N ILE A 404 -24.57 -4.62 -8.35
CA ILE A 404 -23.58 -3.57 -8.49
C ILE A 404 -22.21 -4.17 -8.79
N ALA A 405 -21.91 -5.32 -8.20
CA ALA A 405 -20.71 -6.06 -8.56
C ALA A 405 -20.68 -6.36 -10.05
N GLN A 406 -21.82 -6.76 -10.60
CA GLN A 406 -21.88 -7.08 -12.03
C GLN A 406 -21.67 -5.82 -12.87
N ALA A 407 -22.29 -4.70 -12.50
CA ALA A 407 -22.06 -3.44 -13.20
C ALA A 407 -20.59 -3.06 -13.20
N ARG A 408 -19.87 -3.45 -12.15
CA ARG A 408 -18.47 -3.10 -11.98
C ARG A 408 -17.53 -3.92 -12.86
N SER A 409 -17.97 -5.09 -13.32
CA SER A 409 -17.07 -6.06 -13.93
C SER A 409 -16.48 -5.61 -15.25
N GLN A 410 -17.02 -4.57 -15.86
CA GLN A 410 -16.49 -4.10 -17.13
C GLN A 410 -15.51 -2.95 -16.96
N LEU A 411 -15.27 -2.50 -15.74
CA LEU A 411 -14.20 -1.54 -15.49
C LEU A 411 -12.85 -2.26 -15.39
N ASP A 412 -11.81 -1.59 -15.84
CA ASP A 412 -10.47 -2.17 -15.96
C ASP A 412 -9.64 -2.10 -14.67
N TYR A 413 -10.21 -2.53 -13.54
CA TYR A 413 -9.44 -2.55 -12.29
C TYR A 413 -8.30 -3.55 -12.36
N GLN A 414 -7.16 -3.17 -11.77
CA GLN A 414 -5.97 -4.01 -11.72
C GLN A 414 -5.64 -4.51 -10.29
N VAL A 415 -6.63 -4.56 -9.40
CA VAL A 415 -6.38 -5.06 -8.05
C VAL A 415 -6.11 -6.57 -8.10
N VAL A 416 -5.05 -7.01 -7.43
CA VAL A 416 -4.74 -8.42 -7.30
C VAL A 416 -5.03 -8.85 -5.87
N ASP A 417 -5.94 -9.81 -5.70
CA ASP A 417 -6.32 -10.30 -4.39
C ASP A 417 -6.48 -11.82 -4.48
N VAL A 418 -6.01 -12.52 -3.46
CA VAL A 418 -5.94 -13.98 -3.42
C VAL A 418 -6.80 -14.47 -2.26
N ASP A 419 -7.61 -15.52 -2.49
CA ASP A 419 -8.48 -16.05 -1.45
C ASP A 419 -7.78 -17.21 -0.73
N ARG A 420 -8.53 -17.90 0.15
CA ARG A 420 -7.98 -18.98 1.00
C ARG A 420 -7.55 -20.19 0.20
N GLU A 421 -8.16 -20.44 -0.94
CA GLU A 421 -7.76 -21.55 -1.80
C GLU A 421 -6.58 -21.20 -2.69
N GLY A 422 -6.05 -19.98 -2.58
CA GLY A 422 -5.05 -19.51 -3.53
C GLY A 422 -5.61 -19.15 -4.88
N LYS A 423 -6.94 -19.08 -5.00
CA LYS A 423 -7.58 -18.69 -6.24
C LYS A 423 -7.65 -17.16 -6.34
N LEU A 424 -7.61 -16.66 -7.56
CA LEU A 424 -7.61 -15.22 -7.80
C LEU A 424 -9.01 -14.65 -7.63
N ILE A 425 -9.15 -13.64 -6.79
CA ILE A 425 -10.42 -12.94 -6.66
C ILE A 425 -10.52 -11.93 -7.78
N PRO A 426 -11.55 -11.96 -8.62
CA PRO A 426 -11.60 -11.03 -9.76
C PRO A 426 -11.49 -9.60 -9.27
N PRO A 427 -10.73 -8.76 -9.95
CA PRO A 427 -10.51 -7.40 -9.44
C PRO A 427 -11.80 -6.66 -9.07
N HIS A 428 -12.88 -6.81 -9.86
CA HIS A 428 -14.09 -6.06 -9.56
C HIS A 428 -14.78 -6.60 -8.31
N ILE A 429 -14.58 -7.88 -7.98
CA ILE A 429 -15.07 -8.43 -6.70
C ILE A 429 -14.31 -7.84 -5.52
N ALA A 430 -12.99 -7.71 -5.65
CA ALA A 430 -12.19 -7.11 -4.58
C ALA A 430 -12.58 -5.66 -4.33
N VAL A 431 -12.80 -4.89 -5.40
CA VAL A 431 -13.22 -3.50 -5.23
C VAL A 431 -14.61 -3.43 -4.59
N GLN A 432 -15.56 -4.23 -5.10
CA GLN A 432 -16.90 -4.21 -4.53
C GLN A 432 -16.87 -4.55 -3.05
N SER A 433 -16.03 -5.51 -2.66
CA SER A 433 -15.85 -5.83 -1.24
C SER A 433 -15.40 -4.61 -0.46
N LEU A 434 -14.39 -3.89 -0.98
CA LEU A 434 -13.92 -2.71 -0.28
C LEU A 434 -15.02 -1.66 -0.17
N VAL A 435 -15.83 -1.51 -1.24
CA VAL A 435 -16.90 -0.53 -1.21
C VAL A 435 -17.89 -0.87 -0.10
N GLU A 436 -18.34 -2.13 -0.06
CA GLU A 436 -19.31 -2.54 0.96
C GLU A 436 -18.72 -2.46 2.36
N HIS A 437 -17.42 -2.73 2.53
CA HIS A 437 -16.79 -2.56 3.84
C HIS A 437 -16.83 -1.09 4.28
N LEU A 438 -16.48 -0.17 3.38
CA LEU A 438 -16.47 1.26 3.70
C LEU A 438 -17.87 1.80 3.89
N GLU A 439 -18.85 1.22 3.19
CA GLU A 439 -20.24 1.59 3.40
C GLU A 439 -20.68 1.30 4.85
N ARG A 440 -20.23 0.16 5.41
CA ARG A 440 -20.59 -0.16 6.81
C ARG A 440 -20.03 0.88 7.76
N TRP A 441 -18.81 1.35 7.48
CA TRP A 441 -18.20 2.39 8.29
C TRP A 441 -18.87 3.73 8.07
N SER A 442 -19.22 4.01 6.81
CA SER A 442 -19.86 5.27 6.46
C SER A 442 -21.17 5.47 7.23
N SER A 443 -21.90 4.40 7.51
CA SER A 443 -23.17 4.54 8.20
C SER A 443 -23.04 4.92 9.68
N ILE A 444 -21.85 4.84 10.28
CA ILE A 444 -21.67 5.26 11.67
C ILE A 444 -20.83 6.52 11.80
N ILE A 445 -20.19 6.98 10.71
CA ILE A 445 -19.33 8.15 10.83
C ILE A 445 -20.17 9.37 11.14
N THR A 446 -19.67 10.20 12.04
CA THR A 446 -20.38 11.37 12.52
C THR A 446 -19.82 12.62 11.86
N ARG A 447 -20.32 13.77 12.32
CA ARG A 447 -19.88 15.08 11.86
C ARG A 447 -18.38 15.28 12.05
N HIS A 448 -17.79 14.58 13.02
CA HIS A 448 -16.36 14.71 13.31
C HIS A 448 -15.49 13.98 12.30
N GLY A 449 -16.02 12.98 11.62
CA GLY A 449 -15.26 12.36 10.54
C GLY A 449 -14.48 11.13 10.95
N LEU A 450 -13.56 10.76 10.04
CA LEU A 450 -12.82 9.51 10.11
C LEU A 450 -11.39 9.80 9.68
N LEU A 451 -10.46 9.69 10.63
CA LEU A 451 -9.04 9.86 10.36
C LEU A 451 -8.47 8.50 9.99
N LEU A 452 -7.96 8.39 8.77
CA LEU A 452 -7.64 7.09 8.20
C LEU A 452 -6.34 7.17 7.41
N LEU A 453 -5.33 6.44 7.87
CA LEU A 453 -4.07 6.24 7.15
C LEU A 453 -4.10 4.88 6.50
N GLU A 454 -3.66 4.80 5.25
CA GLU A 454 -3.64 3.52 4.54
C GLU A 454 -2.43 3.44 3.62
N VAL A 455 -1.99 2.22 3.39
CA VAL A 455 -0.95 1.91 2.42
C VAL A 455 -1.64 1.29 1.21
N HIS A 456 -1.04 1.46 0.02
CA HIS A 456 -1.66 1.13 -1.25
C HIS A 456 -0.65 0.50 -2.19
N SER A 457 -1.14 -0.37 -3.08
CA SER A 457 -0.35 -1.00 -4.13
C SER A 457 -0.32 -0.14 -5.40
N LEU A 458 0.54 -0.54 -6.33
CA LEU A 458 0.72 0.13 -7.62
C LEU A 458 0.47 -0.83 -8.78
N THR A 459 0.22 -0.25 -9.96
CA THR A 459 0.10 -1.06 -11.18
C THR A 459 1.49 -1.45 -11.70
N PRO A 460 1.62 -2.60 -12.37
CA PRO A 460 2.96 -3.03 -12.81
C PRO A 460 3.62 -2.08 -13.80
N ALA A 461 2.85 -1.40 -14.65
CA ALA A 461 3.42 -0.40 -15.53
C ALA A 461 4.12 0.70 -14.75
N VAL A 462 3.55 1.14 -13.62
CA VAL A 462 4.19 2.17 -12.82
C VAL A 462 5.36 1.58 -12.04
N VAL A 463 5.19 0.37 -11.50
CA VAL A 463 6.30 -0.27 -10.78
C VAL A 463 7.49 -0.46 -11.70
N LYS A 464 7.27 -1.03 -12.89
CA LYS A 464 8.31 -1.13 -13.91
C LYS A 464 9.10 0.17 -14.04
N LYS A 465 8.38 1.30 -14.09
CA LYS A 465 8.98 2.60 -14.34
C LYS A 465 9.73 3.17 -13.14
N TYR A 466 9.42 2.76 -11.91
CA TYR A 466 10.05 3.36 -10.73
C TYR A 466 10.64 2.27 -9.85
N ILE A 467 11.32 1.31 -10.47
CA ILE A 467 11.79 0.14 -9.75
C ILE A 467 12.79 0.54 -8.65
N ASP A 468 13.73 1.43 -8.97
CA ASP A 468 14.72 1.83 -7.98
C ASP A 468 14.11 2.73 -6.90
N GLU A 469 13.10 3.53 -7.25
CA GLU A 469 12.62 4.57 -6.33
C GLU A 469 11.60 4.08 -5.31
N SER A 470 10.88 3.00 -5.58
CA SER A 470 9.71 2.64 -4.80
C SER A 470 9.84 1.22 -4.26
N GLU A 471 9.19 0.99 -3.11
CA GLU A 471 9.19 -0.28 -2.39
C GLU A 471 8.16 -1.27 -2.95
N SER A 472 7.41 -0.88 -3.97
CA SER A 472 6.20 -1.60 -4.35
C SER A 472 6.46 -3.02 -4.83
N LEU A 473 7.52 -3.23 -5.64
CA LEU A 473 7.76 -4.58 -6.17
C LEU A 473 7.70 -5.65 -5.08
N HIS A 474 8.40 -5.44 -3.96
CA HIS A 474 8.34 -6.48 -2.93
C HIS A 474 7.15 -6.33 -2.00
N PHE A 475 6.75 -5.09 -1.69
CA PHE A 475 5.70 -4.84 -0.71
C PHE A 475 4.36 -5.37 -1.22
N ASP A 476 4.02 -5.04 -2.48
CA ASP A 476 2.73 -5.47 -3.04
C ASP A 476 2.69 -6.97 -3.16
N ALA A 477 3.82 -7.58 -3.54
CA ALA A 477 3.88 -9.03 -3.69
C ALA A 477 3.66 -9.74 -2.37
N TYR A 478 4.45 -9.42 -1.33
CA TYR A 478 4.27 -10.15 -0.09
C TYR A 478 2.93 -9.84 0.57
N HIS A 479 2.36 -8.66 0.31
CA HIS A 479 1.00 -8.38 0.77
C HIS A 479 -0.04 -9.26 0.09
N ALA A 480 0.08 -9.42 -1.23
CA ALA A 480 -0.90 -10.24 -1.94
C ALA A 480 -0.69 -11.73 -1.65
N PHE A 481 0.57 -12.16 -1.60
CA PHE A 481 0.86 -13.54 -1.23
C PHE A 481 0.25 -13.90 0.12
N SER A 482 0.30 -12.97 1.08
CA SER A 482 -0.24 -13.25 2.42
C SER A 482 -1.73 -12.97 2.52
N MET A 483 -2.41 -12.82 1.38
CA MET A 483 -3.88 -12.65 1.35
C MET A 483 -4.31 -11.34 2.01
N GLN A 484 -3.46 -10.31 1.97
CA GLN A 484 -3.90 -8.98 2.37
C GLN A 484 -4.53 -8.32 1.14
N HIS A 485 -5.10 -7.12 1.31
CA HIS A 485 -6.01 -6.56 0.31
C HIS A 485 -5.63 -5.12 -0.04
N LEU A 486 -4.45 -4.91 -0.59
CA LEU A 486 -4.10 -3.58 -1.08
C LEU A 486 -4.90 -3.23 -2.33
N VAL A 487 -5.15 -1.94 -2.52
CA VAL A 487 -5.67 -1.42 -3.78
C VAL A 487 -4.84 -0.19 -4.11
N GLU A 488 -4.94 0.25 -5.36
CA GLU A 488 -4.29 1.49 -5.74
C GLU A 488 -4.97 2.65 -5.01
N ALA A 489 -4.22 3.75 -4.86
CA ALA A 489 -4.71 4.85 -4.01
C ALA A 489 -5.94 5.53 -4.61
N ASP A 490 -6.02 5.62 -5.94
CA ASP A 490 -7.23 6.16 -6.55
C ASP A 490 -8.43 5.24 -6.34
N VAL A 491 -8.22 3.91 -6.42
CA VAL A 491 -9.33 2.99 -6.15
C VAL A 491 -9.85 3.16 -4.72
N PHE A 492 -8.94 3.36 -3.77
CA PHE A 492 -9.38 3.52 -2.39
C PHE A 492 -10.18 4.81 -2.23
N LEU A 493 -9.71 5.90 -2.83
CA LEU A 493 -10.46 7.16 -2.75
C LEU A 493 -11.79 7.08 -3.47
N MET A 494 -11.86 6.33 -4.58
CA MET A 494 -13.16 6.12 -5.23
C MET A 494 -14.09 5.30 -4.35
N ALA A 495 -13.59 4.22 -3.75
CA ALA A 495 -14.44 3.38 -2.94
C ALA A 495 -15.04 4.18 -1.80
N ALA A 496 -14.24 5.07 -1.20
CA ALA A 496 -14.75 5.94 -0.15
C ALA A 496 -15.79 6.90 -0.72
N ALA A 497 -15.52 7.47 -1.91
CA ALA A 497 -16.42 8.47 -2.50
C ALA A 497 -17.75 7.85 -2.89
N GLU A 498 -17.74 6.60 -3.33
CA GLU A 498 -18.98 5.91 -3.66
C GLU A 498 -19.92 5.82 -2.47
N VAL A 499 -19.40 5.81 -1.25
CA VAL A 499 -20.25 5.69 -0.06
C VAL A 499 -20.36 7.01 0.71
N GLY A 500 -19.95 8.11 0.12
CA GLY A 500 -20.15 9.42 0.70
C GLY A 500 -19.01 9.93 1.55
N LEU A 501 -17.88 9.21 1.63
CA LEU A 501 -16.74 9.65 2.43
C LEU A 501 -15.73 10.36 1.55
N PHE A 502 -15.40 11.60 1.91
CA PHE A 502 -14.49 12.42 1.10
C PHE A 502 -13.32 12.89 1.94
N SER A 503 -12.14 12.76 1.38
CA SER A 503 -10.89 13.08 2.06
C SER A 503 -10.68 14.57 2.00
N ARG A 504 -10.71 15.22 3.15
CA ARG A 504 -10.66 16.67 3.24
C ARG A 504 -9.34 17.24 2.71
N LYS A 505 -9.46 18.23 1.83
CA LYS A 505 -8.30 18.80 1.13
C LYS A 505 -7.23 19.28 2.10
N GLU A 506 -7.64 19.94 3.18
CA GLU A 506 -6.67 20.58 4.07
C GLU A 506 -5.97 19.57 4.96
N ALA A 507 -6.49 18.36 5.07
CA ALA A 507 -5.92 17.31 5.92
C ALA A 507 -5.02 16.34 5.15
N PHE A 508 -5.14 16.31 3.84
CA PHE A 508 -4.62 15.24 3.01
C PHE A 508 -3.11 15.31 2.86
N ARG A 509 -2.48 14.14 2.77
CA ARG A 509 -1.06 13.96 2.46
C ARG A 509 -0.88 12.60 1.81
N LYS A 510 0.01 12.54 0.82
CA LYS A 510 0.33 11.27 0.17
C LYS A 510 1.85 11.12 0.11
N TYR A 511 2.29 9.87 0.02
CA TYR A 511 3.71 9.52 -0.12
C TYR A 511 3.87 8.48 -1.22
N PRO A 512 4.96 8.54 -2.00
CA PRO A 512 6.03 9.55 -1.97
C PRO A 512 5.51 10.87 -2.48
N LYS A 513 6.03 11.95 -1.90
CA LYS A 513 5.49 13.28 -2.10
C LYS A 513 5.65 13.78 -3.54
N THR A 514 6.76 13.44 -4.20
CA THR A 514 7.11 14.08 -5.46
C THR A 514 7.27 13.11 -6.61
N LEU A 515 7.02 11.79 -6.42
CA LEU A 515 6.97 10.89 -7.54
C LEU A 515 5.53 10.69 -8.00
N PRO A 516 5.31 10.33 -9.26
CA PRO A 516 3.93 10.15 -9.73
C PRO A 516 3.36 8.78 -9.34
N LEU A 517 3.39 8.48 -8.03
CA LEU A 517 2.84 7.24 -7.50
C LEU A 517 2.52 7.44 -6.02
N THR A 518 1.49 6.74 -5.55
CA THR A 518 1.03 6.90 -4.17
C THR A 518 1.07 5.55 -3.46
N ARG A 519 1.96 5.41 -2.50
CA ARG A 519 1.97 4.25 -1.61
C ARG A 519 1.27 4.49 -0.27
N ILE A 520 1.20 5.73 0.22
CA ILE A 520 0.58 6.00 1.50
C ILE A 520 -0.32 7.22 1.40
N THR A 521 -1.53 7.14 2.00
CA THR A 521 -2.37 8.32 2.14
C THR A 521 -2.69 8.57 3.61
N VAL A 522 -2.67 9.84 3.98
CA VAL A 522 -3.16 10.31 5.26
C VAL A 522 -4.44 11.09 4.99
N ASN A 523 -5.56 10.64 5.54
CA ASN A 523 -6.88 11.17 5.20
C ASN A 523 -7.65 11.60 6.44
N HIS A 524 -8.34 12.73 6.35
CA HIS A 524 -9.46 13.02 7.25
C HIS A 524 -10.71 12.97 6.38
N PHE A 525 -11.40 11.83 6.43
CA PHE A 525 -12.65 11.65 5.70
C PHE A 525 -13.81 12.29 6.44
N GLU A 526 -14.61 13.04 5.69
CA GLU A 526 -15.87 13.60 6.15
C GLU A 526 -17.01 13.03 5.33
N LYS A 527 -18.11 12.78 6.02
CA LYS A 527 -19.32 12.24 5.43
C LYS A 527 -20.13 13.38 4.84
N ARG A 528 -20.53 13.24 3.58
CA ARG A 528 -21.30 14.25 2.86
C ARG A 528 -22.58 13.61 2.34
N LYS A 529 -23.52 14.44 1.88
CA LYS A 529 -24.82 13.88 1.52
C LYS A 529 -24.83 13.20 0.16
N TYR A 530 -23.80 13.41 -0.66
CA TYR A 530 -23.79 12.89 -2.03
C TYR A 530 -22.70 11.84 -2.19
N GLN A 531 -22.70 11.19 -3.36
CA GLN A 531 -21.66 10.22 -3.68
C GLN A 531 -21.00 10.58 -5.01
N ILE A 532 -19.77 10.10 -5.20
CA ILE A 532 -19.04 10.24 -6.45
C ILE A 532 -18.61 8.85 -6.90
N ARG A 533 -18.87 8.52 -8.17
CA ARG A 533 -18.57 7.21 -8.74
C ARG A 533 -18.09 7.39 -10.17
N TYR A 534 -17.61 6.31 -10.77
CA TYR A 534 -17.21 6.37 -12.18
C TYR A 534 -18.45 6.43 -13.08
N ALA A 535 -18.48 7.42 -13.98
CA ALA A 535 -19.44 7.34 -15.07
C ALA A 535 -19.18 6.09 -15.89
N THR A 536 -20.26 5.53 -16.44
CA THR A 536 -20.24 4.33 -17.27
C THR A 536 -21.03 4.61 -18.55
N VAL A 537 -20.97 3.65 -19.47
CA VAL A 537 -21.78 3.71 -20.68
C VAL A 537 -23.27 3.88 -20.37
N ASN A 538 -23.75 3.31 -19.25
CA ASN A 538 -25.17 3.41 -18.89
C ASN A 538 -25.59 4.83 -18.52
N ASP A 539 -24.62 5.71 -18.22
CA ASP A 539 -24.96 7.09 -17.89
C ASP A 539 -25.11 8.00 -19.11
N ILE A 540 -24.74 7.55 -20.31
CA ILE A 540 -24.72 8.43 -21.48
C ILE A 540 -26.07 9.09 -21.73
N PRO A 541 -27.21 8.40 -21.65
CA PRO A 541 -28.48 9.11 -21.87
C PRO A 541 -28.68 10.30 -20.96
N ASN A 542 -28.39 10.17 -19.65
CA ASN A 542 -28.50 11.30 -18.74
C ASN A 542 -27.44 12.36 -19.04
N LEU A 543 -26.23 11.93 -19.37
CA LEU A 543 -25.16 12.88 -19.65
C LEU A 543 -25.52 13.80 -20.82
N LEU A 544 -26.17 13.25 -21.85
CA LEU A 544 -26.52 14.04 -23.05
C LEU A 544 -27.43 15.21 -22.72
N LYS A 545 -28.22 15.10 -21.66
CA LYS A 545 -29.17 16.14 -21.29
C LYS A 545 -28.60 17.21 -20.37
N CYS A 546 -27.38 17.05 -19.85
CA CYS A 546 -26.81 18.04 -18.95
C CYS A 546 -26.43 19.33 -19.69
N ALA A 547 -26.41 20.43 -18.93
CA ALA A 547 -25.65 21.61 -19.33
C ALA A 547 -24.18 21.25 -19.44
N THR A 548 -23.47 21.91 -20.35
CA THR A 548 -22.14 21.45 -20.73
C THR A 548 -21.28 22.63 -21.15
N PHE A 549 -20.02 22.64 -20.69
CA PHE A 549 -19.18 23.78 -21.00
C PHE A 549 -18.73 23.75 -22.45
N ASN A 550 -18.26 22.62 -22.93
CA ASN A 550 -18.02 22.47 -24.35
C ASN A 550 -19.35 22.26 -25.07
N PRO A 551 -19.41 22.51 -26.38
CA PRO A 551 -20.66 22.24 -27.11
C PRO A 551 -21.12 20.81 -26.90
N PRO A 552 -22.44 20.58 -26.87
CA PRO A 552 -22.95 19.24 -26.55
C PRO A 552 -22.19 18.09 -27.19
N VAL A 553 -21.73 17.17 -26.34
CA VAL A 553 -20.98 16.00 -26.76
C VAL A 553 -21.96 14.95 -27.27
N ASN A 554 -21.65 14.34 -28.39
CA ASN A 554 -22.51 13.29 -28.90
C ASN A 554 -22.07 11.93 -28.35
N GLU A 555 -22.97 10.96 -28.44
CA GLU A 555 -22.70 9.65 -27.85
C GLU A 555 -21.40 9.01 -28.33
N PRO A 556 -21.04 9.04 -29.61
CA PRO A 556 -19.78 8.40 -30.00
C PRO A 556 -18.59 8.91 -29.23
N PHE A 557 -18.51 10.21 -28.95
CA PHE A 557 -17.34 10.71 -28.25
C PHE A 557 -17.32 10.24 -26.80
N PHE A 558 -18.49 10.18 -26.14
CA PHE A 558 -18.60 9.55 -24.83
C PHE A 558 -18.13 8.10 -24.88
N GLN A 559 -18.55 7.36 -25.91
CA GLN A 559 -18.11 5.98 -26.06
C GLN A 559 -16.60 5.90 -26.22
N VAL A 560 -16.03 6.78 -27.05
CA VAL A 560 -14.57 6.80 -27.23
C VAL A 560 -13.88 6.99 -25.89
N LEU A 561 -14.32 7.99 -25.10
CA LEU A 561 -13.66 8.30 -23.83
C LEU A 561 -13.84 7.17 -22.83
N LEU A 562 -15.09 6.67 -22.72
CA LEU A 562 -15.38 5.58 -21.79
C LEU A 562 -14.60 4.31 -22.15
N LYS A 563 -14.33 4.09 -23.44
CA LYS A 563 -13.65 2.87 -23.84
C LYS A 563 -12.14 2.95 -23.58
N GLN A 564 -11.51 4.10 -23.89
CA GLN A 564 -10.06 4.15 -23.71
C GLN A 564 -9.65 4.28 -22.25
N THR A 565 -10.44 4.95 -21.40
CA THR A 565 -10.17 4.99 -19.95
C THR A 565 -11.45 4.72 -19.16
N PRO A 566 -11.82 3.44 -18.99
CA PRO A 566 -13.06 3.11 -18.27
C PRO A 566 -13.12 3.59 -16.83
N THR A 567 -11.97 3.85 -16.18
CA THR A 567 -12.00 4.38 -14.82
C THR A 567 -11.32 5.74 -14.74
N ALA A 568 -11.80 6.73 -15.53
CA ALA A 568 -11.21 8.06 -15.46
C ALA A 568 -12.23 9.19 -15.68
N HIS A 569 -13.52 8.91 -15.58
CA HIS A 569 -14.55 9.94 -15.70
C HIS A 569 -15.45 9.85 -14.48
N LEU A 570 -15.62 10.97 -13.79
CA LEU A 570 -16.24 10.96 -12.47
C LEU A 570 -17.56 11.71 -12.53
N LEU A 571 -18.56 11.17 -11.84
CA LEU A 571 -19.85 11.85 -11.76
C LEU A 571 -20.37 11.85 -10.34
N LEU A 572 -21.10 12.92 -10.01
CA LEU A 572 -21.63 13.18 -8.68
C LEU A 572 -23.14 13.01 -8.69
N GLU A 573 -23.63 12.16 -7.79
CA GLU A 573 -25.04 11.85 -7.62
C GLU A 573 -25.53 12.27 -6.23
N TYR A 574 -26.79 12.63 -6.16
CA TYR A 574 -27.43 12.97 -4.90
C TYR A 574 -28.84 12.38 -4.97
N GLN A 575 -29.10 11.39 -4.12
CA GLN A 575 -30.41 10.76 -4.03
C GLN A 575 -30.85 10.19 -5.37
N GLY A 576 -29.94 9.46 -6.02
CA GLY A 576 -30.17 8.86 -7.31
C GLY A 576 -30.16 9.82 -8.48
N GLU A 577 -29.97 11.11 -8.24
CA GLU A 577 -30.09 12.11 -9.29
C GLU A 577 -28.70 12.59 -9.70
N LEU A 578 -28.44 12.56 -11.00
CA LEU A 578 -27.21 13.10 -11.56
C LEU A 578 -27.12 14.60 -11.30
N VAL A 579 -25.99 15.05 -10.75
CA VAL A 579 -25.75 16.45 -10.52
C VAL A 579 -24.67 17.01 -11.44
N ALA A 580 -23.58 16.28 -11.63
CA ALA A 580 -22.44 16.80 -12.37
C ALA A 580 -21.52 15.65 -12.76
N ALA A 581 -20.72 15.90 -13.80
CA ALA A 581 -19.84 14.89 -14.33
C ALA A 581 -18.63 15.58 -14.93
N ILE A 582 -17.46 14.98 -14.74
CA ILE A 582 -16.23 15.45 -15.39
C ILE A 582 -15.58 14.27 -16.09
N PHE A 583 -15.34 14.42 -17.40
CA PHE A 583 -14.57 13.46 -18.19
C PHE A 583 -13.15 13.95 -18.37
N THR A 584 -12.24 13.00 -18.56
CA THR A 584 -10.83 13.28 -18.73
C THR A 584 -10.26 12.57 -19.95
N GLU A 585 -9.04 12.98 -20.29
CA GLU A 585 -8.16 12.26 -21.20
C GLU A 585 -6.82 12.01 -20.53
N THR A 586 -6.23 10.85 -20.78
CA THR A 586 -4.92 10.50 -20.26
C THR A 586 -3.98 10.37 -21.45
N LYS A 587 -2.87 11.12 -21.45
CA LYS A 587 -2.01 11.20 -22.62
C LYS A 587 -0.53 11.28 -22.22
N ASN A 588 0.34 11.08 -23.24
CA ASN A 588 1.78 11.31 -23.16
C ASN A 588 2.48 10.27 -22.30
N SER A 589 2.49 9.02 -22.79
CA SER A 589 2.94 7.86 -22.03
C SER A 589 2.16 7.75 -20.72
N ASN A 590 0.87 8.12 -20.76
CA ASN A 590 -0.02 8.09 -19.59
C ASN A 590 0.52 8.92 -18.42
N GLU A 591 1.27 9.97 -18.72
CA GLU A 591 1.78 10.86 -17.69
C GLU A 591 0.90 12.09 -17.44
N VAL A 592 0.02 12.44 -18.37
CA VAL A 592 -0.74 13.67 -18.28
C VAL A 592 -2.22 13.32 -18.21
N LEU A 593 -2.89 13.88 -17.22
CA LEU A 593 -4.34 13.78 -17.10
C LEU A 593 -4.93 15.17 -17.35
N GLY A 594 -5.91 15.25 -18.22
CA GLY A 594 -6.49 16.53 -18.58
C GLY A 594 -8.00 16.50 -18.48
N ILE A 595 -8.56 17.59 -17.93
CA ILE A 595 -10.01 17.76 -17.92
C ILE A 595 -10.49 17.91 -19.35
N ARG A 596 -11.53 17.16 -19.71
CA ARG A 596 -11.99 17.11 -21.09
C ARG A 596 -13.42 17.58 -21.26
N GLU A 597 -14.30 17.33 -20.29
CA GLU A 597 -15.68 17.76 -20.35
C GLU A 597 -16.15 18.09 -18.95
N PHE A 598 -17.09 19.03 -18.84
CA PHE A 598 -17.68 19.41 -17.55
C PHE A 598 -19.18 19.56 -17.77
N LEU A 599 -19.96 18.72 -17.07
CA LEU A 599 -21.41 18.67 -17.19
C LEU A 599 -22.05 18.95 -15.84
N VAL A 600 -23.14 19.71 -15.82
CA VAL A 600 -23.92 19.96 -14.61
C VAL A 600 -25.40 19.95 -14.93
N ARG A 601 -26.19 19.81 -13.87
CA ARG A 601 -27.66 19.92 -13.95
C ARG A 601 -28.08 21.01 -12.96
N THR A 602 -28.46 22.18 -13.50
CA THR A 602 -28.68 23.34 -12.65
C THR A 602 -30.04 23.33 -11.99
N SER A 603 -30.84 22.29 -12.24
CA SER A 603 -32.09 22.05 -11.53
C SER A 603 -31.88 21.45 -10.15
N VAL A 604 -30.68 21.00 -9.82
CA VAL A 604 -30.45 20.36 -8.53
C VAL A 604 -29.99 21.40 -7.53
N GLU A 605 -30.65 21.42 -6.37
CA GLU A 605 -30.30 22.36 -5.31
C GLU A 605 -28.81 22.27 -4.97
N ASN A 606 -28.18 23.43 -4.87
N ASN A 606 -28.17 23.43 -4.88
CA ASN A 606 -26.75 23.57 -4.53
CA ASN A 606 -26.74 23.54 -4.52
C ASN A 606 -25.85 22.91 -5.58
C ASN A 606 -25.83 22.92 -5.59
N TRP A 607 -26.29 22.88 -6.84
CA TRP A 607 -25.52 22.23 -7.90
C TRP A 607 -24.15 22.86 -8.08
N GLN A 608 -24.05 24.19 -7.92
CA GLN A 608 -22.78 24.86 -8.19
C GLN A 608 -21.73 24.50 -7.16
N VAL A 609 -22.12 24.41 -5.88
CA VAL A 609 -21.20 23.94 -4.85
C VAL A 609 -20.75 22.52 -5.15
N LEU A 610 -21.71 21.65 -5.49
CA LEU A 610 -21.41 20.24 -5.76
C LEU A 610 -20.52 20.08 -6.97
N ALA A 611 -20.78 20.85 -8.03
CA ALA A 611 -19.89 20.81 -9.18
C ALA A 611 -18.48 21.25 -8.81
N LYS A 612 -18.37 22.25 -7.94
CA LYS A 612 -17.05 22.66 -7.46
C LYS A 612 -16.40 21.56 -6.61
N ASP A 613 -17.17 20.89 -5.75
CA ASP A 613 -16.63 19.73 -5.03
C ASP A 613 -16.14 18.65 -5.99
N LEU A 614 -16.88 18.39 -7.06
CA LEU A 614 -16.43 17.37 -8.00
C LEU A 614 -15.11 17.76 -8.67
N LEU A 615 -14.96 19.03 -9.07
CA LEU A 615 -13.68 19.48 -9.63
C LEU A 615 -12.55 19.35 -8.61
N GLU A 616 -12.82 19.71 -7.36
CA GLU A 616 -11.86 19.51 -6.28
C GLU A 616 -11.52 18.02 -6.12
N PHE A 617 -12.53 17.14 -6.14
CA PHE A 617 -12.26 15.71 -5.99
C PHE A 617 -11.41 15.17 -7.15
N VAL A 618 -11.68 15.62 -8.38
CA VAL A 618 -10.94 15.17 -9.56
C VAL A 618 -9.47 15.54 -9.45
N GLU A 619 -9.17 16.73 -8.93
CA GLU A 619 -7.78 17.09 -8.71
C GLU A 619 -7.10 16.16 -7.72
N GLN A 620 -7.78 15.88 -6.59
CA GLN A 620 -7.22 15.00 -5.57
C GLN A 620 -7.06 13.59 -6.10
N TRP A 621 -8.09 13.10 -6.79
CA TRP A 621 -8.04 11.78 -7.41
C TRP A 621 -6.87 11.70 -8.41
N GLY A 622 -6.71 12.72 -9.25
CA GLY A 622 -5.62 12.71 -10.22
C GLY A 622 -4.24 12.81 -9.60
N VAL A 623 -4.15 13.45 -8.43
CA VAL A 623 -2.89 13.53 -7.68
C VAL A 623 -2.41 12.13 -7.28
N VAL A 624 -3.34 11.22 -6.96
CA VAL A 624 -2.97 9.88 -6.48
C VAL A 624 -3.09 8.81 -7.55
N LYS A 625 -3.46 9.19 -8.76
CA LYS A 625 -3.63 8.26 -9.86
C LYS A 625 -2.26 7.72 -10.28
N PRO A 626 -2.08 6.40 -10.34
CA PRO A 626 -0.76 5.84 -10.65
C PRO A 626 -0.19 6.39 -11.96
N GLY A 627 1.01 6.97 -11.88
CA GLY A 627 1.74 7.39 -13.06
C GLY A 627 1.46 8.80 -13.54
N ILE A 628 0.49 9.50 -12.95
CA ILE A 628 0.15 10.83 -13.43
C ILE A 628 1.16 11.84 -12.90
N LYS A 629 1.84 12.55 -13.82
CA LYS A 629 2.82 13.55 -13.41
C LYS A 629 2.22 14.94 -13.31
N GLU A 630 1.22 15.27 -14.12
CA GLU A 630 0.64 16.60 -14.07
C GLU A 630 -0.81 16.55 -14.55
N ILE A 631 -1.60 17.49 -14.05
CA ILE A 631 -2.99 17.62 -14.45
C ILE A 631 -3.15 18.90 -15.25
N GLU A 632 -3.85 18.79 -16.37
CA GLU A 632 -4.17 19.94 -17.22
C GLU A 632 -5.62 20.35 -17.05
N GLY A 633 -5.88 21.64 -17.26
CA GLY A 633 -7.23 22.16 -17.38
C GLY A 633 -7.88 22.66 -16.11
N LEU A 634 -7.21 22.53 -14.96
CA LEU A 634 -7.83 22.87 -13.69
C LEU A 634 -8.26 24.34 -13.66
N LEU A 635 -7.39 25.23 -14.13
CA LEU A 635 -7.73 26.66 -14.17
C LEU A 635 -8.86 26.95 -15.14
N LYS A 636 -8.78 26.40 -16.35
CA LYS A 636 -9.80 26.66 -17.36
C LYS A 636 -11.20 26.24 -16.89
N TYR A 637 -11.30 25.05 -16.30
CA TYR A 637 -12.61 24.54 -15.90
C TYR A 637 -13.03 25.03 -14.52
N HIS A 638 -12.09 25.46 -13.67
CA HIS A 638 -12.48 26.19 -12.47
C HIS A 638 -13.15 27.50 -12.85
N GLU A 639 -12.53 28.25 -13.77
CA GLU A 639 -13.12 29.49 -14.26
C GLU A 639 -14.52 29.23 -14.83
N ALA A 640 -14.69 28.15 -15.60
CA ALA A 640 -15.99 27.86 -16.19
C ALA A 640 -17.08 27.69 -15.13
N ILE A 641 -16.78 26.98 -14.04
CA ILE A 641 -17.81 26.77 -13.03
C ILE A 641 -17.94 27.93 -12.04
N SER A 642 -16.85 28.67 -11.80
CA SER A 642 -16.85 29.80 -10.86
C SER A 642 -17.56 31.03 -11.40
N ASN A 643 -17.51 31.26 -12.72
CA ASN A 643 -18.24 32.34 -13.39
C ASN A 643 -19.16 31.69 -14.41
N PHE A 644 -20.25 31.07 -13.92
CA PHE A 644 -21.04 30.15 -14.74
C PHE A 644 -21.78 30.89 -15.85
N GLN A 645 -22.46 31.99 -15.50
CA GLN A 645 -23.27 32.70 -16.48
C GLN A 645 -22.40 33.38 -17.54
N LYS A 646 -21.31 34.02 -17.13
CA LYS A 646 -20.39 34.65 -18.07
C LYS A 646 -19.68 33.63 -18.97
N SER A 647 -19.56 32.38 -18.53
CA SER A 647 -18.87 31.38 -19.33
C SER A 647 -19.74 30.78 -20.43
N LYS A 648 -21.04 31.07 -20.44
CA LYS A 648 -21.91 30.77 -21.57
C LYS A 648 -22.00 29.27 -21.84
N TRP A 649 -22.49 28.54 -20.85
CA TRP A 649 -22.58 27.08 -21.02
C TRP A 649 -23.71 26.73 -21.99
N TYR A 650 -23.59 25.58 -22.64
CA TYR A 650 -24.61 25.08 -23.54
C TYR A 650 -25.62 24.26 -22.76
N GLN A 651 -26.86 24.22 -23.30
CA GLN A 651 -27.94 23.41 -22.74
C GLN A 651 -28.18 23.71 -21.26
N SER A 652 -28.06 24.99 -20.89
CA SER A 652 -28.29 25.39 -19.50
C SER A 652 -29.67 26.00 -19.36
MN MN B . -0.22 -5.10 5.81
C1 GOL C . 6.62 2.29 4.89
O1 GOL C . 7.10 2.58 3.61
C2 GOL C . 5.16 1.83 4.79
O2 GOL C . 5.04 0.86 3.76
C3 GOL C . 4.63 1.31 6.13
O3 GOL C . 3.39 0.67 5.97
CAB MU6 D . 2.33 -3.76 6.70
CAC MU6 D . 3.01 -4.85 7.55
CAD MU6 D . 2.62 -6.23 7.03
CAH MU6 D . 2.62 -4.71 9.03
CAI MU6 D . 4.52 -4.73 7.40
OAA MU6 D . 3.05 -2.83 6.24
OAE MU6 D . 1.48 -6.43 6.51
OAF MU6 D . 1.10 -3.75 6.48
OAG MU6 D . 3.44 -7.17 7.15
N SAH E . -3.00 0.79 13.84
CA SAH E . -1.71 0.21 14.21
CB SAH E . -1.58 -1.30 13.62
CG SAH E . -0.67 -2.13 14.56
SD SAH E . -0.62 -3.83 13.86
C SAH E . -0.55 0.95 13.71
O SAH E . 0.57 0.88 14.41
OXT SAH E . -0.61 1.63 12.61
C5' SAH E . -2.28 -4.36 13.35
C4' SAH E . -3.17 -4.27 14.57
O4' SAH E . -4.45 -4.29 14.23
C3' SAH E . -2.92 -5.47 15.65
O3' SAH E . -2.88 -4.89 17.00
C2' SAH E . -3.92 -6.31 15.43
O2' SAH E . -4.30 -7.13 16.60
C1' SAH E . -5.12 -5.41 15.03
N9 SAH E . -5.97 -6.07 14.24
C8 SAH E . -5.63 -6.93 13.31
N7 SAH E . -6.72 -7.38 12.70
C5 SAH E . -7.81 -6.81 13.25
C6 SAH E . -9.23 -6.89 13.05
N6 SAH E . -9.81 -7.75 12.03
N1 SAH E . -10.03 -6.15 13.81
C2 SAH E . -9.54 -5.34 14.73
N3 SAH E . -8.23 -5.26 14.96
C4 SAH E . -7.34 -5.97 14.23
#